data_4IZ6
#
_entry.id   4IZ6
#
_cell.length_a   110.990
_cell.length_b   119.110
_cell.length_c   99.770
_cell.angle_alpha   90.00
_cell.angle_beta   90.00
_cell.angle_gamma   90.00
#
_symmetry.space_group_name_H-M   'P 21 21 2'
#
loop_
_entity.id
_entity.type
_entity.pdbx_description
1 polymer 'Enterobactin synthase component E, Isochorismatase'
2 non-polymer "5'-deoxy-5'-({[2-(2,3-dihydroxyphenyl)ethyl]sulfonyl}amino)adenosine"
3 non-polymer "4'-PHOSPHOPANTETHEINE"
4 water water
#
_entity_poly.entity_id   1
_entity_poly.type   'polypeptide(L)'
_entity_poly.pdbx_seq_one_letter_code
;MGSSHHHHHSSGENLYFQGHMSIPFTRWPEEFARRYREKGYWQDLPLTDILTRHAASDSIAVIDGERQLSYRELNQAADN
LACSLRRQGIKPGETALVQLGNVAELYITFFALLKLGVAPVLALFSHQRSELNAYASQIEPALLIADRQHALFSGDDFLN
TFVTEHSSIRVVQLLNDSGEHNLQDAINHPAEDFTATPSPADEVAYFQLSGGTTGTPKLIPRTHNDYYYSVRRSVEICQF
TQQTRYLCAIPAAHNYAMSSPGSLGVFLAGGTVVLAADPSATLCFPLIEKHQVNVTALVPPAVSLWLQALIEGESRAQLA
SLKLLQVGGARLSATLAARIPAEIGCQLQQVFGMAEGLVNYTRLDDSAEKIIHTQGYPMCPDDEVWVADAEGNPLPQGEV
GRLMTRGPYTFRGYYKSPQHNASAFDANGFYCSGDLISIDPEGYITVQGREKDQINRGGEKIAAEEIENLLLRHPAVIYA
ALVSMEDELMGEKSCAYLVVKEPLRAVQVRRFLREQGIAEFKLPDRVECVDSLPLTAVGKVDKKQLRQWLASRASAGRAS
IPASKAALREVILPLLDESDEPFDDDNLIDYGLDSVRMMALAARWRKVHGDIDFVMLAKNPTIDAWWKLLSREVK
;
_entity_poly.pdbx_strand_id   A,B
#
# COMPACT_ATOMS: atom_id res chain seq x y z
N SER A 22 -32.61 -15.38 34.73
CA SER A 22 -31.45 -15.54 33.84
C SER A 22 -31.58 -14.68 32.58
N ILE A 23 -30.50 -13.99 32.23
CA ILE A 23 -30.48 -13.15 31.03
C ILE A 23 -30.31 -13.96 29.75
N PRO A 24 -31.31 -13.87 28.84
CA PRO A 24 -31.42 -14.65 27.60
C PRO A 24 -30.19 -14.56 26.69
N PHE A 25 -29.60 -15.71 26.38
CA PHE A 25 -28.54 -15.76 25.41
C PHE A 25 -28.46 -17.14 24.79
N THR A 26 -27.77 -17.21 23.66
CA THR A 26 -27.59 -18.46 22.94
C THR A 26 -26.42 -19.23 23.53
N ARG A 27 -26.73 -20.30 24.26
CA ARG A 27 -25.73 -21.25 24.76
C ARG A 27 -24.87 -21.86 23.64
N TRP A 28 -23.65 -22.26 23.95
CA TRP A 28 -22.89 -23.12 23.04
C TRP A 28 -23.47 -24.50 23.21
N PRO A 29 -23.43 -25.31 22.14
CA PRO A 29 -23.87 -26.71 22.26
C PRO A 29 -23.18 -27.44 23.40
N GLU A 30 -23.81 -28.49 23.91
CA GLU A 30 -23.29 -29.21 25.05
C GLU A 30 -21.90 -29.81 24.80
N GLU A 31 -21.71 -30.41 23.62
CA GLU A 31 -20.42 -31.02 23.30
C GLU A 31 -19.29 -29.98 23.28
N PHE A 32 -19.63 -28.76 22.88
CA PHE A 32 -18.68 -27.66 22.84
C PHE A 32 -18.32 -27.16 24.24
N ALA A 33 -19.35 -26.86 25.03
CA ALA A 33 -19.17 -26.44 26.42
C ALA A 33 -18.27 -27.42 27.16
N ARG A 34 -18.58 -28.71 27.01
CA ARG A 34 -17.84 -29.79 27.67
C ARG A 34 -16.38 -29.84 27.22
N ARG A 35 -16.15 -29.79 25.91
CA ARG A 35 -14.81 -29.74 25.32
C ARG A 35 -14.01 -28.52 25.78
N TYR A 36 -14.66 -27.37 25.79
CA TYR A 36 -14.03 -26.13 26.23
C TYR A 36 -13.63 -26.16 27.71
N ARG A 37 -14.42 -26.78 28.56
CA ARG A 37 -14.02 -26.98 29.95
C ARG A 37 -12.82 -27.91 30.06
N GLU A 38 -12.88 -29.04 29.35
CA GLU A 38 -11.82 -30.05 29.42
C GLU A 38 -10.45 -29.51 28.99
N LYS A 39 -10.43 -28.69 27.95
CA LYS A 39 -9.16 -28.21 27.44
C LYS A 39 -8.66 -27.00 28.23
N GLY A 40 -9.41 -26.64 29.27
CA GLY A 40 -9.04 -25.53 30.13
C GLY A 40 -9.46 -24.12 29.73
N TYR A 41 -10.23 -23.98 28.65
CA TYR A 41 -10.62 -22.65 28.15
C TYR A 41 -11.58 -21.94 29.10
N TRP A 42 -12.69 -22.59 29.43
CA TRP A 42 -13.63 -22.06 30.39
C TRP A 42 -13.25 -22.58 31.78
N GLN A 43 -12.92 -21.67 32.69
CA GLN A 43 -12.45 -22.06 34.02
C GLN A 43 -13.52 -22.03 35.13
N ASP A 44 -14.69 -21.51 34.81
CA ASP A 44 -15.78 -21.40 35.78
C ASP A 44 -15.45 -20.44 36.94
N LEU A 45 -14.55 -19.48 36.69
CA LEU A 45 -14.36 -18.36 37.60
C LEU A 45 -15.08 -17.11 37.09
N PRO A 46 -15.69 -16.34 38.00
CA PRO A 46 -16.34 -15.10 37.52
C PRO A 46 -15.28 -14.09 37.13
N LEU A 47 -15.67 -13.05 36.41
CA LEU A 47 -14.72 -12.05 36.00
C LEU A 47 -14.12 -11.27 37.18
N THR A 48 -14.89 -11.12 38.26
CA THR A 48 -14.42 -10.42 39.47
C THR A 48 -13.09 -10.96 40.00
N ASP A 49 -12.76 -12.20 39.61
CA ASP A 49 -11.56 -12.86 40.09
C ASP A 49 -10.31 -12.15 39.56
N ILE A 50 -10.48 -11.42 38.46
CA ILE A 50 -9.44 -10.55 37.90
C ILE A 50 -8.93 -9.57 38.98
N LEU A 51 -9.85 -9.05 39.78
CA LEU A 51 -9.53 -8.05 40.81
C LEU A 51 -9.22 -8.74 42.13
N THR A 52 -10.19 -9.48 42.64
CA THR A 52 -10.11 -10.11 43.96
C THR A 52 -8.88 -11.00 44.14
N ARG A 53 -8.23 -11.40 43.07
CA ARG A 53 -6.97 -12.11 43.19
C ARG A 53 -5.84 -11.12 43.58
N HIS A 54 -6.10 -9.82 43.47
CA HIS A 54 -5.12 -8.80 43.83
C HIS A 54 -5.68 -7.89 44.93
N ALA A 55 -6.58 -8.39 45.77
CA ALA A 55 -7.23 -7.50 46.73
C ALA A 55 -6.38 -7.01 47.93
N ALA A 56 -5.27 -7.68 48.22
CA ALA A 56 -4.34 -7.24 49.28
C ALA A 56 -3.10 -6.50 48.72
N SER A 57 -3.07 -6.33 47.41
CA SER A 57 -1.93 -5.73 46.76
C SER A 57 -1.94 -4.19 46.82
N ASP A 58 -0.87 -3.60 47.34
CA ASP A 58 -0.74 -2.14 47.40
C ASP A 58 -0.10 -1.58 46.12
N SER A 59 0.21 -2.47 45.19
CA SER A 59 0.76 -2.05 43.90
C SER A 59 -0.31 -1.26 43.18
N ILE A 60 0.10 -0.37 42.28
CA ILE A 60 -0.82 0.58 41.66
C ILE A 60 -1.56 -0.06 40.49
N ALA A 61 -2.88 0.01 40.54
CA ALA A 61 -3.68 -0.48 39.42
C ALA A 61 -4.05 0.60 38.39
N VAL A 62 -4.33 1.81 38.86
CA VAL A 62 -4.89 2.82 37.96
C VAL A 62 -4.33 4.20 38.26
N ILE A 63 -3.91 4.83 37.18
CA ILE A 63 -3.41 6.19 37.18
C ILE A 63 -4.26 7.02 36.22
N ASP A 64 -5.00 7.97 36.78
CA ASP A 64 -5.88 8.82 36.01
C ASP A 64 -5.52 10.26 36.40
N GLY A 65 -4.83 10.97 35.52
CA GLY A 65 -4.28 12.27 35.85
C GLY A 65 -3.39 12.22 37.09
N GLU A 66 -3.76 12.95 38.13
CA GLU A 66 -2.97 13.02 39.37
C GLU A 66 -3.41 11.98 40.37
N ARG A 67 -4.40 11.17 40.01
CA ARG A 67 -4.94 10.18 40.94
C ARG A 67 -4.34 8.79 40.74
N GLN A 68 -4.01 8.12 41.83
CA GLN A 68 -3.53 6.75 41.70
C GLN A 68 -4.31 5.82 42.62
N LEU A 69 -4.75 4.69 42.09
CA LEU A 69 -5.47 3.75 42.91
C LEU A 69 -4.70 2.46 42.93
N SER A 70 -4.52 1.93 44.12
CA SER A 70 -3.92 0.62 44.24
C SER A 70 -5.00 -0.42 43.89
N TYR A 71 -4.58 -1.68 43.79
CA TYR A 71 -5.48 -2.81 43.59
C TYR A 71 -6.43 -2.98 44.73
N ARG A 72 -5.95 -2.85 45.95
CA ARG A 72 -6.81 -3.04 47.11
C ARG A 72 -7.80 -1.91 47.23
N GLU A 73 -7.39 -0.72 46.85
CA GLU A 73 -8.31 0.40 46.71
C GLU A 73 -9.34 0.12 45.60
N LEU A 74 -8.88 -0.38 44.45
CA LEU A 74 -9.74 -0.57 43.29
C LEU A 74 -10.86 -1.47 43.72
N ASN A 75 -10.48 -2.61 44.29
CA ASN A 75 -11.38 -3.57 44.88
C ASN A 75 -12.28 -2.97 45.97
N GLN A 76 -11.69 -2.21 46.88
CA GLN A 76 -12.45 -1.55 47.90
C GLN A 76 -13.51 -0.67 47.25
N ALA A 77 -13.11 0.26 46.38
CA ALA A 77 -14.09 1.12 45.70
C ALA A 77 -15.22 0.33 45.03
N ALA A 78 -14.85 -0.76 44.39
CA ALA A 78 -15.79 -1.60 43.67
C ALA A 78 -16.82 -2.21 44.63
N ASP A 79 -16.33 -2.76 45.75
CA ASP A 79 -17.17 -3.23 46.85
C ASP A 79 -18.10 -2.14 47.41
N ASN A 80 -17.55 -0.96 47.68
CA ASN A 80 -18.35 0.20 48.10
C ASN A 80 -19.50 0.50 47.12
N LEU A 81 -19.16 0.57 45.82
CA LEU A 81 -20.17 0.98 44.84
C LEU A 81 -21.28 -0.07 44.82
N ALA A 82 -20.89 -1.34 44.68
CA ALA A 82 -21.85 -2.44 44.64
C ALA A 82 -22.74 -2.46 45.89
N CYS A 83 -22.12 -2.23 47.05
CA CYS A 83 -22.85 -2.19 48.30
C CYS A 83 -23.90 -1.06 48.31
N SER A 84 -23.50 0.16 47.92
CA SER A 84 -24.46 1.28 47.80
C SER A 84 -25.60 0.99 46.84
N LEU A 85 -25.28 0.43 45.68
CA LEU A 85 -26.32 0.11 44.70
C LEU A 85 -27.31 -0.93 45.24
N ARG A 86 -26.80 -1.87 46.03
CA ARG A 86 -27.64 -2.83 46.70
C ARG A 86 -28.50 -2.14 47.76
N ARG A 87 -27.91 -1.19 48.48
CA ARG A 87 -28.68 -0.37 49.44
C ARG A 87 -29.84 0.42 48.79
N GLN A 88 -29.64 0.87 47.56
CA GLN A 88 -30.64 1.68 46.89
C GLN A 88 -31.64 0.82 46.10
N GLY A 89 -31.53 -0.49 46.22
CA GLY A 89 -32.51 -1.41 45.63
C GLY A 89 -32.12 -2.22 44.40
N ILE A 90 -30.90 -2.09 43.91
CA ILE A 90 -30.49 -2.87 42.74
C ILE A 90 -30.24 -4.31 43.09
N LYS A 91 -30.63 -5.21 42.20
CA LYS A 91 -30.58 -6.64 42.45
C LYS A 91 -29.75 -7.40 41.39
N PRO A 92 -29.15 -8.52 41.78
CA PRO A 92 -28.47 -9.24 40.71
C PRO A 92 -29.50 -9.70 39.68
N GLY A 93 -29.05 -10.02 38.47
CA GLY A 93 -29.93 -10.44 37.40
C GLY A 93 -30.38 -9.25 36.58
N GLU A 94 -30.27 -8.06 37.16
CA GLU A 94 -30.79 -6.86 36.49
C GLU A 94 -29.73 -6.26 35.62
N THR A 95 -30.11 -5.28 34.81
CA THR A 95 -29.19 -4.71 33.84
C THR A 95 -28.94 -3.23 34.08
N ALA A 96 -27.85 -2.73 33.47
CA ALA A 96 -27.32 -1.40 33.76
C ALA A 96 -26.75 -0.72 32.50
N LEU A 97 -27.11 0.54 32.33
CA LEU A 97 -26.57 1.33 31.25
C LEU A 97 -25.54 2.31 31.81
N VAL A 98 -24.32 2.27 31.26
CA VAL A 98 -23.20 3.09 31.73
C VAL A 98 -22.57 3.88 30.59
N GLN A 99 -22.36 5.16 30.82
CA GLN A 99 -21.63 5.98 29.86
C GLN A 99 -20.57 6.71 30.63
N LEU A 100 -19.40 6.11 30.67
CA LEU A 100 -18.23 6.70 31.28
C LEU A 100 -17.07 6.45 30.32
N GLY A 101 -16.28 7.48 30.12
CA GLY A 101 -15.18 7.42 29.18
C GLY A 101 -13.95 7.07 29.96
N ASN A 102 -12.81 7.61 29.56
CA ASN A 102 -11.54 7.10 30.06
C ASN A 102 -11.20 7.59 31.47
N VAL A 103 -12.10 7.27 32.40
CA VAL A 103 -11.99 7.76 33.77
C VAL A 103 -11.77 6.52 34.65
N ALA A 104 -11.20 6.68 35.84
CA ALA A 104 -11.00 5.51 36.70
C ALA A 104 -12.32 4.90 37.17
N GLU A 105 -13.36 5.71 37.23
CA GLU A 105 -14.68 5.23 37.64
C GLU A 105 -15.26 4.13 36.74
N LEU A 106 -15.00 4.19 35.43
CA LEU A 106 -15.43 3.11 34.52
C LEU A 106 -15.07 1.72 35.05
N TYR A 107 -13.84 1.52 35.52
CA TYR A 107 -13.41 0.22 36.05
C TYR A 107 -14.05 -0.09 37.40
N ILE A 108 -14.02 0.89 38.29
CA ILE A 108 -14.73 0.78 39.56
C ILE A 108 -16.20 0.37 39.38
N THR A 109 -16.91 1.05 38.49
CA THR A 109 -18.28 0.69 38.15
C THR A 109 -18.37 -0.75 37.65
N PHE A 110 -17.69 -1.04 36.55
CA PHE A 110 -17.65 -2.37 35.93
C PHE A 110 -17.50 -3.46 36.96
N PHE A 111 -16.45 -3.36 37.77
CA PHE A 111 -16.23 -4.38 38.78
C PHE A 111 -17.25 -4.38 39.90
N ALA A 112 -17.92 -3.25 40.12
CA ALA A 112 -18.98 -3.21 41.13
C ALA A 112 -20.17 -3.94 40.58
N LEU A 113 -20.44 -3.74 39.29
CA LEU A 113 -21.58 -4.41 38.68
C LEU A 113 -21.37 -5.92 38.52
N LEU A 114 -20.15 -6.37 38.31
CA LEU A 114 -19.91 -7.80 38.27
C LEU A 114 -20.07 -8.39 39.65
N LYS A 115 -19.66 -7.61 40.67
CA LYS A 115 -19.66 -8.07 42.06
C LYS A 115 -21.09 -8.25 42.51
N LEU A 116 -21.95 -7.35 42.04
CA LEU A 116 -23.35 -7.37 42.40
C LEU A 116 -24.09 -8.36 41.51
N GLY A 117 -23.44 -8.75 40.40
CA GLY A 117 -24.09 -9.62 39.45
C GLY A 117 -25.13 -8.90 38.57
N VAL A 118 -24.88 -7.63 38.28
CA VAL A 118 -25.73 -6.86 37.38
C VAL A 118 -25.00 -6.71 36.05
N ALA A 119 -25.72 -6.78 34.93
CA ALA A 119 -25.04 -6.80 33.63
C ALA A 119 -25.11 -5.49 32.86
N PRO A 120 -23.97 -4.79 32.76
CA PRO A 120 -23.85 -3.50 32.08
C PRO A 120 -23.77 -3.56 30.55
N VAL A 121 -24.26 -2.52 29.91
CA VAL A 121 -23.79 -2.15 28.60
C VAL A 121 -22.94 -0.95 28.86
N LEU A 122 -21.67 -1.00 28.47
CA LEU A 122 -20.82 0.18 28.59
C LEU A 122 -20.81 1.04 27.32
N ALA A 123 -21.62 2.09 27.29
CA ALA A 123 -21.72 2.96 26.11
C ALA A 123 -20.45 3.78 25.82
N LEU A 124 -20.31 4.31 24.61
CA LEU A 124 -19.12 5.11 24.29
C LEU A 124 -19.34 6.49 24.82
N PHE A 125 -18.28 7.17 25.23
CA PHE A 125 -18.50 8.53 25.70
C PHE A 125 -19.06 9.48 24.62
N SER A 126 -18.85 9.12 23.35
CA SER A 126 -19.29 9.94 22.20
C SER A 126 -20.70 9.61 21.72
N HIS A 127 -21.25 8.51 22.23
CA HIS A 127 -22.65 8.15 22.02
C HIS A 127 -23.63 9.22 22.46
N GLN A 128 -24.64 9.48 21.66
CA GLN A 128 -25.63 10.50 22.01
C GLN A 128 -27.01 9.92 22.33
N ARG A 129 -28.06 10.72 22.10
CA ARG A 129 -29.42 10.33 22.52
C ARG A 129 -30.00 9.08 21.81
N SER A 130 -29.67 8.92 20.53
CA SER A 130 -30.26 7.83 19.76
C SER A 130 -29.69 6.49 20.19
N GLU A 131 -28.37 6.41 20.31
CA GLU A 131 -27.74 5.17 20.75
C GLU A 131 -28.14 4.81 22.18
N LEU A 132 -28.25 5.79 23.05
CA LEU A 132 -28.60 5.51 24.44
C LEU A 132 -30.03 5.01 24.63
N ASN A 133 -30.99 5.60 23.92
CA ASN A 133 -32.35 5.11 23.94
C ASN A 133 -32.35 3.70 23.36
N ALA A 134 -31.54 3.46 22.35
CA ALA A 134 -31.53 2.15 21.70
C ALA A 134 -31.04 1.02 22.61
N TYR A 135 -29.98 1.24 23.38
CA TYR A 135 -29.49 0.19 24.27
C TYR A 135 -30.46 -0.02 25.43
N ALA A 136 -30.94 1.08 25.97
CA ALA A 136 -31.89 1.06 27.06
C ALA A 136 -33.13 0.23 26.66
N SER A 137 -33.67 0.58 25.49
CA SER A 137 -34.79 -0.15 24.89
C SER A 137 -34.61 -1.66 24.93
N GLN A 138 -33.37 -2.11 24.76
CA GLN A 138 -33.11 -3.54 24.66
C GLN A 138 -32.88 -4.23 26.00
N ILE A 139 -32.14 -3.58 26.89
CA ILE A 139 -31.72 -4.25 28.12
C ILE A 139 -32.69 -4.06 29.29
N GLU A 140 -33.60 -3.09 29.15
CA GLU A 140 -34.52 -2.73 30.23
C GLU A 140 -33.76 -2.46 31.56
N PRO A 141 -32.94 -1.39 31.58
CA PRO A 141 -31.93 -1.16 32.64
C PRO A 141 -32.52 -0.70 33.95
N ALA A 142 -32.05 -1.26 35.06
CA ALA A 142 -32.50 -0.83 36.39
C ALA A 142 -31.69 0.38 36.84
N LEU A 143 -30.47 0.47 36.32
CA LEU A 143 -29.49 1.43 36.79
C LEU A 143 -28.97 2.25 35.64
N LEU A 144 -28.93 3.55 35.83
CA LEU A 144 -28.20 4.36 34.87
C LEU A 144 -27.07 5.09 35.58
N ILE A 145 -25.87 4.95 35.04
CA ILE A 145 -24.74 5.77 35.48
C ILE A 145 -24.21 6.54 34.28
N ALA A 146 -23.87 7.81 34.49
CA ALA A 146 -23.34 8.64 33.43
C ALA A 146 -22.50 9.80 33.97
N ASP A 147 -22.23 10.77 33.11
CA ASP A 147 -21.27 11.79 33.47
C ASP A 147 -21.84 13.16 33.16
N ARG A 148 -21.88 14.04 34.17
CA ARG A 148 -22.47 15.39 33.99
C ARG A 148 -21.60 16.21 33.05
N GLN A 149 -20.42 15.68 32.78
CA GLN A 149 -19.47 16.25 31.88
C GLN A 149 -19.84 15.89 30.44
N HIS A 150 -20.78 14.96 30.30
CA HIS A 150 -21.38 14.68 29.01
C HIS A 150 -22.45 15.73 28.75
N ALA A 151 -22.38 16.37 27.58
CA ALA A 151 -23.33 17.41 27.17
C ALA A 151 -24.80 17.01 27.37
N LEU A 152 -25.10 15.74 27.23
CA LEU A 152 -26.46 15.29 27.49
C LEU A 152 -26.78 15.37 28.97
N PHE A 153 -25.78 15.42 29.83
CA PHE A 153 -26.05 15.33 31.26
C PHE A 153 -25.60 16.52 32.10
N SER A 154 -25.22 17.61 31.45
CA SER A 154 -24.86 18.84 32.15
C SER A 154 -26.00 19.27 33.07
N GLY A 155 -27.14 19.58 32.47
CA GLY A 155 -28.36 19.89 33.20
C GLY A 155 -29.24 18.67 33.40
N ASP A 156 -30.53 18.88 33.63
CA ASP A 156 -31.42 17.77 33.93
C ASP A 156 -32.54 17.58 32.89
N ASP A 157 -32.47 18.29 31.78
CA ASP A 157 -33.47 18.15 30.73
C ASP A 157 -33.47 16.76 30.12
N PHE A 158 -32.35 16.34 29.56
CA PHE A 158 -32.22 14.99 29.04
C PHE A 158 -32.46 13.90 30.09
N LEU A 159 -31.75 13.98 31.20
CA LEU A 159 -31.88 12.99 32.27
C LEU A 159 -33.35 12.77 32.69
N ASN A 160 -34.11 13.86 32.73
CA ASN A 160 -35.53 13.80 33.12
C ASN A 160 -36.42 13.04 32.14
N THR A 161 -36.29 13.34 30.86
CA THR A 161 -36.97 12.59 29.81
C THR A 161 -36.55 11.11 29.72
N PHE A 162 -35.24 10.89 29.73
CA PHE A 162 -34.68 9.55 29.55
C PHE A 162 -35.19 8.61 30.62
N VAL A 163 -35.13 9.04 31.86
CA VAL A 163 -35.61 8.25 33.00
C VAL A 163 -37.11 7.97 32.88
N THR A 164 -37.88 8.98 32.49
CA THR A 164 -39.32 8.85 32.26
C THR A 164 -39.65 7.95 31.07
N GLU A 165 -38.89 8.08 29.99
CA GLU A 165 -39.13 7.26 28.80
C GLU A 165 -38.60 5.84 28.98
N HIS A 166 -37.82 5.61 30.04
CA HIS A 166 -37.35 4.28 30.40
C HIS A 166 -37.66 3.94 31.86
N SER A 167 -38.89 3.50 32.08
CA SER A 167 -39.47 3.44 33.42
C SER A 167 -38.81 2.39 34.30
N SER A 168 -38.09 1.47 33.68
CA SER A 168 -37.40 0.40 34.41
C SER A 168 -36.37 0.99 35.39
N ILE A 169 -35.87 2.16 35.02
CA ILE A 169 -34.80 2.86 35.75
C ILE A 169 -35.26 3.41 37.12
N ARG A 170 -34.69 2.85 38.19
CA ARG A 170 -35.04 3.20 39.57
C ARG A 170 -33.89 3.94 40.21
N VAL A 171 -32.69 3.76 39.66
CA VAL A 171 -31.49 4.36 40.22
C VAL A 171 -30.57 4.97 39.17
N VAL A 172 -30.21 6.22 39.40
CA VAL A 172 -29.31 7.00 38.57
C VAL A 172 -28.08 7.49 39.37
N GLN A 173 -26.87 7.31 38.85
CA GLN A 173 -25.68 7.83 39.56
C GLN A 173 -24.80 8.58 38.60
N LEU A 174 -24.34 9.75 39.01
CA LEU A 174 -23.69 10.69 38.10
C LEU A 174 -22.27 11.07 38.52
N LEU A 175 -21.31 10.85 37.64
CA LEU A 175 -19.95 11.36 37.85
C LEU A 175 -20.00 12.88 37.72
N ASN A 176 -19.17 13.58 38.47
CA ASN A 176 -19.12 15.05 38.40
C ASN A 176 -20.43 15.71 38.79
N ASP A 177 -21.08 15.13 39.80
CA ASP A 177 -22.33 15.64 40.34
C ASP A 177 -22.17 15.92 41.84
N SER A 178 -22.88 16.94 42.34
CA SER A 178 -22.80 17.32 43.75
C SER A 178 -24.13 17.15 44.51
N GLY A 179 -25.01 16.30 43.98
CA GLY A 179 -26.31 16.03 44.58
C GLY A 179 -26.36 14.62 45.17
N GLU A 180 -27.54 14.05 45.22
CA GLU A 180 -27.74 12.72 45.82
C GLU A 180 -27.34 11.65 44.83
N HIS A 181 -27.46 11.96 43.54
CA HIS A 181 -27.04 11.05 42.50
C HIS A 181 -25.51 11.07 42.32
N ASN A 182 -24.82 11.71 43.26
CA ASN A 182 -23.36 11.84 43.17
C ASN A 182 -22.64 10.49 43.30
N LEU A 183 -22.09 10.03 42.17
CA LEU A 183 -21.37 8.76 42.12
C LEU A 183 -20.29 8.61 43.18
N GLN A 184 -19.63 9.71 43.55
CA GLN A 184 -18.54 9.66 44.52
C GLN A 184 -19.03 9.37 45.91
N ASP A 185 -20.25 9.80 46.23
CA ASP A 185 -20.84 9.43 47.52
C ASP A 185 -20.86 7.91 47.63
N ALA A 186 -21.31 7.27 46.56
CA ALA A 186 -21.47 5.83 46.60
C ALA A 186 -20.11 5.10 46.67
N ILE A 187 -19.18 5.50 45.82
CA ILE A 187 -17.84 4.91 45.79
C ILE A 187 -17.07 5.08 47.13
N ASN A 188 -17.33 6.18 47.84
CA ASN A 188 -16.65 6.48 49.12
C ASN A 188 -17.33 5.84 50.35
N HIS A 189 -18.59 5.47 50.22
CA HIS A 189 -19.28 4.91 51.38
C HIS A 189 -18.81 3.47 51.56
N PRO A 190 -18.21 3.19 52.71
CA PRO A 190 -17.63 1.87 53.00
C PRO A 190 -18.68 0.77 52.99
N ALA A 191 -18.28 -0.40 52.51
CA ALA A 191 -19.18 -1.53 52.39
C ALA A 191 -19.55 -2.06 53.76
N GLU A 192 -20.76 -2.59 53.90
CA GLU A 192 -21.22 -3.22 55.14
C GLU A 192 -22.00 -4.52 54.84
N ASP A 193 -21.59 -5.61 55.49
CA ASP A 193 -22.26 -6.91 55.35
C ASP A 193 -22.35 -7.29 53.89
N PHE A 194 -21.25 -7.10 53.17
CA PHE A 194 -21.27 -7.32 51.74
C PHE A 194 -20.52 -8.56 51.28
N THR A 195 -21.22 -9.38 50.54
CA THR A 195 -20.57 -10.47 49.83
C THR A 195 -21.05 -10.45 48.39
N ALA A 196 -20.11 -10.67 47.47
CA ALA A 196 -20.37 -10.72 46.04
C ALA A 196 -21.42 -11.78 45.67
N THR A 197 -22.30 -11.40 44.75
CA THR A 197 -23.18 -12.37 44.12
C THR A 197 -23.05 -12.30 42.60
N PRO A 198 -21.87 -12.62 42.06
CA PRO A 198 -21.79 -12.56 40.60
C PRO A 198 -22.71 -13.57 39.93
N SER A 199 -23.18 -13.25 38.72
CA SER A 199 -23.96 -14.23 37.94
C SER A 199 -23.09 -15.46 37.74
N PRO A 200 -23.68 -16.65 37.65
CA PRO A 200 -22.91 -17.86 37.37
C PRO A 200 -21.95 -17.67 36.17
N ALA A 201 -20.75 -18.21 36.30
CA ALA A 201 -19.71 -18.07 35.29
C ALA A 201 -20.16 -18.44 33.86
N ASP A 202 -21.16 -19.32 33.73
CA ASP A 202 -21.65 -19.71 32.39
C ASP A 202 -22.84 -18.90 31.89
N GLU A 203 -23.08 -17.77 32.55
CA GLU A 203 -24.14 -16.85 32.15
C GLU A 203 -23.53 -15.53 31.77
N VAL A 204 -24.35 -14.65 31.19
CA VAL A 204 -23.89 -13.31 30.80
C VAL A 204 -23.24 -12.56 31.99
N ALA A 205 -22.07 -11.97 31.72
CA ALA A 205 -21.44 -11.06 32.67
C ALA A 205 -21.77 -9.61 32.28
N TYR A 206 -21.74 -9.35 30.97
CA TYR A 206 -22.15 -8.04 30.44
C TYR A 206 -22.37 -8.05 28.92
N PHE A 207 -22.81 -6.92 28.38
CA PHE A 207 -23.13 -6.82 26.96
C PHE A 207 -22.08 -5.99 26.25
N GLN A 208 -21.56 -6.53 25.17
CA GLN A 208 -20.58 -5.80 24.39
C GLN A 208 -21.29 -5.33 23.12
N LEU A 209 -20.77 -4.27 22.51
CA LEU A 209 -21.38 -3.63 21.33
C LEU A 209 -20.82 -4.16 20.02
N SER A 210 -21.70 -4.38 19.05
CA SER A 210 -21.27 -4.86 17.75
C SER A 210 -20.72 -3.73 16.89
N GLY A 211 -20.01 -4.08 15.83
CA GLY A 211 -19.70 -3.13 14.78
C GLY A 211 -20.98 -2.65 14.13
N GLY A 212 -21.75 -3.58 13.58
CA GLY A 212 -23.03 -3.27 12.96
C GLY A 212 -23.00 -3.31 11.44
N THR A 214 -26.31 -3.21 9.97
CA THR A 214 -27.67 -3.26 10.50
C THR A 214 -28.21 -1.88 10.82
N GLY A 215 -29.53 -1.72 10.75
CA GLY A 215 -30.17 -0.42 11.00
C GLY A 215 -30.54 -0.22 12.47
N THR A 216 -30.20 -1.24 13.26
CA THR A 216 -30.47 -1.27 14.69
C THR A 216 -29.23 -1.73 15.42
N PRO A 217 -28.77 -0.95 16.41
CA PRO A 217 -27.61 -1.31 17.25
C PRO A 217 -27.75 -2.71 17.83
N LYS A 218 -26.73 -3.55 17.68
CA LYS A 218 -26.77 -4.93 18.15
C LYS A 218 -25.91 -5.13 19.39
N LEU A 219 -26.37 -5.99 20.30
CA LEU A 219 -25.67 -6.26 21.55
C LEU A 219 -25.14 -7.68 21.64
N ILE A 220 -23.90 -7.82 22.13
CA ILE A 220 -23.23 -9.11 22.24
C ILE A 220 -23.08 -9.57 23.69
N PRO A 221 -23.92 -10.54 24.10
CA PRO A 221 -23.87 -11.06 25.47
C PRO A 221 -22.61 -11.92 25.72
N ARG A 222 -21.69 -11.44 26.57
CA ARG A 222 -20.47 -12.18 26.94
C ARG A 222 -20.57 -12.87 28.32
N THR A 223 -20.23 -14.16 28.39
CA THR A 223 -20.31 -14.85 29.67
C THR A 223 -18.98 -14.72 30.37
N HIS A 224 -18.98 -14.87 31.70
CA HIS A 224 -17.74 -14.90 32.48
C HIS A 224 -16.75 -15.97 31.99
N ASN A 225 -17.25 -17.06 31.40
CA ASN A 225 -16.35 -18.13 30.93
C ASN A 225 -15.63 -17.81 29.63
N ASP A 226 -16.39 -17.40 28.61
CA ASP A 226 -15.83 -17.05 27.32
C ASP A 226 -15.02 -15.76 27.37
N TYR A 227 -15.45 -14.79 28.18
CA TYR A 227 -14.80 -13.48 28.20
C TYR A 227 -13.50 -13.50 29.03
N TYR A 228 -13.53 -14.17 30.17
CA TYR A 228 -12.33 -14.31 31.01
C TYR A 228 -11.26 -14.99 30.19
N TYR A 229 -11.68 -16.01 29.44
CA TYR A 229 -10.74 -16.74 28.61
C TYR A 229 -10.06 -15.86 27.58
N SER A 230 -10.80 -14.96 26.93
CA SER A 230 -10.16 -14.07 25.98
C SER A 230 -9.16 -13.16 26.70
N VAL A 231 -9.46 -12.78 27.94
CA VAL A 231 -8.53 -11.94 28.66
C VAL A 231 -7.28 -12.71 29.06
N ARG A 232 -7.46 -13.92 29.57
CA ARG A 232 -6.34 -14.68 30.13
C ARG A 232 -5.35 -15.02 29.03
N ARG A 233 -5.87 -15.54 27.93
CA ARG A 233 -5.02 -15.97 26.82
C ARG A 233 -4.32 -14.79 26.12
N SER A 234 -4.98 -13.63 26.09
CA SER A 234 -4.35 -12.43 25.56
C SER A 234 -3.15 -11.97 26.40
N VAL A 235 -3.29 -12.05 27.72
CA VAL A 235 -2.16 -11.77 28.62
C VAL A 235 -0.97 -12.71 28.41
N GLU A 236 -1.24 -13.97 28.12
CA GLU A 236 -0.18 -14.94 27.91
C GLU A 236 0.61 -14.59 26.65
N ILE A 237 -0.12 -14.26 25.59
CA ILE A 237 0.45 -13.88 24.31
C ILE A 237 1.29 -12.60 24.34
N CYS A 238 0.76 -11.54 24.95
CA CYS A 238 1.46 -10.25 24.98
C CYS A 238 2.39 -10.15 26.19
N GLN A 239 2.45 -11.26 26.94
CA GLN A 239 3.25 -11.37 28.16
C GLN A 239 3.13 -10.18 29.12
N PHE A 240 1.90 -9.89 29.51
CA PHE A 240 1.65 -8.86 30.50
C PHE A 240 1.99 -9.43 31.86
N THR A 241 2.64 -8.63 32.71
CA THR A 241 2.99 -9.05 34.06
C THR A 241 2.82 -7.85 34.95
N GLN A 242 3.25 -7.96 36.20
CA GLN A 242 3.08 -6.85 37.12
C GLN A 242 3.89 -5.62 36.72
N GLN A 243 4.82 -5.79 35.81
CA GLN A 243 5.67 -4.70 35.36
C GLN A 243 5.04 -3.99 34.16
N THR A 244 4.06 -4.63 33.54
CA THR A 244 3.27 -4.00 32.48
C THR A 244 2.70 -2.66 32.94
N ARG A 245 2.92 -1.64 32.13
CA ARG A 245 2.35 -0.32 32.35
CA ARG A 245 2.34 -0.33 32.35
C ARG A 245 1.68 0.10 31.04
N TYR A 246 0.37 -0.11 30.96
CA TYR A 246 -0.41 0.03 29.75
C TYR A 246 -1.11 1.37 29.66
N LEU A 247 -0.81 2.14 28.62
CA LEU A 247 -1.49 3.41 28.42
C LEU A 247 -2.80 3.17 27.67
N CYS A 248 -3.93 3.53 28.29
CA CYS A 248 -5.23 3.36 27.65
C CYS A 248 -5.79 4.71 27.21
N ALA A 249 -5.58 5.05 25.95
CA ALA A 249 -5.91 6.37 25.43
C ALA A 249 -6.93 6.38 24.31
N ILE A 250 -7.23 5.19 23.75
CA ILE A 250 -8.38 4.99 22.85
C ILE A 250 -9.56 4.65 23.75
N PRO A 251 -10.80 4.53 23.20
CA PRO A 251 -11.94 4.36 24.10
C PRO A 251 -11.91 3.10 24.99
N ALA A 252 -11.83 3.36 26.29
CA ALA A 252 -11.56 2.33 27.29
C ALA A 252 -12.64 1.27 27.36
N ALA A 253 -13.87 1.64 27.04
CA ALA A 253 -14.97 0.69 27.07
C ALA A 253 -14.98 -0.29 25.89
N HIS A 254 -14.33 0.06 24.77
CA HIS A 254 -14.25 -0.86 23.61
C HIS A 254 -13.53 -2.15 23.92
N ASN A 255 -13.90 -3.21 23.22
CA ASN A 255 -13.34 -4.52 23.50
C ASN A 255 -11.84 -4.59 23.30
N TYR A 256 -11.33 -3.77 22.41
CA TYR A 256 -9.90 -3.72 22.12
C TYR A 256 -9.11 -3.26 23.35
N ALA A 257 -9.44 -2.05 23.83
CA ALA A 257 -8.77 -1.45 24.99
C ALA A 257 -9.19 -2.08 26.32
N MET A 258 -10.31 -2.78 26.29
CA MET A 258 -10.83 -3.40 27.48
C MET A 258 -10.27 -4.82 27.73
N SER A 259 -9.91 -5.56 26.68
CA SER A 259 -9.67 -7.00 26.82
C SER A 259 -8.70 -7.65 25.83
N SER A 260 -8.00 -6.88 25.02
CA SER A 260 -7.12 -7.53 24.05
C SER A 260 -5.65 -7.17 24.10
N PRO A 261 -4.99 -7.38 25.25
CA PRO A 261 -5.49 -7.91 26.53
C PRO A 261 -6.18 -6.80 27.30
N GLY A 262 -5.95 -5.57 26.86
CA GLY A 262 -6.57 -4.38 27.43
C GLY A 262 -6.36 -4.18 28.91
N SER A 263 -7.23 -3.35 29.48
CA SER A 263 -7.15 -3.00 30.88
C SER A 263 -7.46 -4.18 31.76
N LEU A 264 -8.29 -5.10 31.29
CA LEU A 264 -8.56 -6.31 32.07
C LEU A 264 -7.36 -7.25 32.11
N GLY A 265 -6.63 -7.32 31.00
CA GLY A 265 -5.37 -8.04 30.98
C GLY A 265 -4.39 -7.49 32.00
N VAL A 266 -4.27 -6.16 32.06
CA VAL A 266 -3.34 -5.47 32.96
C VAL A 266 -3.72 -5.76 34.40
N PHE A 267 -4.99 -5.56 34.71
CA PHE A 267 -5.56 -5.95 35.99
C PHE A 267 -5.34 -7.44 36.33
N LEU A 268 -5.54 -8.34 35.37
CA LEU A 268 -5.32 -9.76 35.63
C LEU A 268 -3.86 -10.02 36.02
N ALA A 269 -2.93 -9.35 35.34
CA ALA A 269 -1.49 -9.60 35.51
C ALA A 269 -0.89 -8.75 36.61
N GLY A 270 -1.72 -7.92 37.24
CA GLY A 270 -1.27 -7.12 38.36
C GLY A 270 -0.46 -5.88 38.05
N GLY A 271 -0.59 -5.39 36.82
CA GLY A 271 0.08 -4.15 36.39
C GLY A 271 -0.62 -2.83 36.66
N THR A 272 -0.30 -1.83 35.86
CA THR A 272 -0.89 -0.52 36.04
C THR A 272 -1.57 -0.03 34.76
N VAL A 273 -2.81 0.41 34.85
CA VAL A 273 -3.43 1.07 33.71
C VAL A 273 -3.17 2.58 33.87
N VAL A 274 -2.76 3.23 32.79
CA VAL A 274 -2.61 4.66 32.82
C VAL A 274 -3.58 5.18 31.80
N LEU A 275 -4.52 6.02 32.23
CA LEU A 275 -5.64 6.44 31.40
C LEU A 275 -5.37 7.78 30.71
N ALA A 276 -5.77 7.91 29.46
CA ALA A 276 -5.81 9.20 28.83
C ALA A 276 -7.10 9.39 28.09
N ALA A 277 -7.44 10.67 27.91
CA ALA A 277 -8.71 11.08 27.34
C ALA A 277 -8.74 10.85 25.85
N ASP A 278 -7.59 10.95 25.21
CA ASP A 278 -7.49 10.81 23.77
C ASP A 278 -6.09 10.38 23.44
N PRO A 279 -5.88 9.78 22.25
CA PRO A 279 -4.57 9.30 21.79
C PRO A 279 -3.73 10.33 21.01
N SER A 280 -3.97 11.62 21.24
CA SER A 280 -3.11 12.64 20.64
C SER A 280 -1.70 12.49 21.23
N ALA A 281 -0.69 12.91 20.47
CA ALA A 281 0.70 12.83 20.91
C ALA A 281 0.99 13.74 22.08
N THR A 282 0.44 14.96 22.07
CA THR A 282 0.77 15.96 23.09
C THR A 282 0.28 15.57 24.47
N LEU A 283 -0.82 14.85 24.54
CA LEU A 283 -1.30 14.32 25.80
C LEU A 283 -0.47 13.11 26.18
N CYS A 284 -0.28 12.22 25.19
CA CYS A 284 0.26 10.88 25.44
C CYS A 284 1.78 10.78 25.61
N PHE A 285 2.54 11.47 24.76
CA PHE A 285 4.00 11.42 24.89
C PHE A 285 4.48 11.72 26.31
N PRO A 286 4.04 12.85 26.90
CA PRO A 286 4.41 13.11 28.31
C PRO A 286 3.98 12.01 29.27
N LEU A 287 2.80 11.44 29.06
CA LEU A 287 2.29 10.40 29.96
C LEU A 287 3.16 9.14 29.90
N ILE A 288 3.70 8.84 28.72
CA ILE A 288 4.56 7.66 28.57
C ILE A 288 5.91 7.86 29.26
N GLU A 289 6.39 9.10 29.28
CA GLU A 289 7.68 9.33 29.89
C GLU A 289 7.55 9.36 31.40
N LYS A 290 6.61 10.17 31.85
CA LYS A 290 6.40 10.43 33.28
C LYS A 290 6.20 9.13 34.05
N HIS A 291 5.51 8.19 33.40
CA HIS A 291 5.09 6.96 34.04
C HIS A 291 5.81 5.74 33.46
N GLN A 292 6.67 5.99 32.49
CA GLN A 292 7.50 4.93 31.92
C GLN A 292 6.61 3.82 31.39
N VAL A 293 5.58 4.23 30.66
CA VAL A 293 4.66 3.32 30.01
C VAL A 293 5.39 2.39 29.04
N ASN A 294 5.12 1.10 29.13
CA ASN A 294 5.84 0.17 28.26
C ASN A 294 4.99 -0.56 27.20
N VAL A 295 3.68 -0.40 27.25
CA VAL A 295 2.81 -0.91 26.20
C VAL A 295 1.68 0.09 25.98
N THR A 296 1.07 0.05 24.81
CA THR A 296 -0.07 0.89 24.54
C THR A 296 -0.76 0.34 23.30
N ALA A 297 -2.00 0.75 23.07
CA ALA A 297 -2.76 0.21 21.97
C ALA A 297 -3.32 1.36 21.17
N LEU A 298 -2.98 1.38 19.89
CA LEU A 298 -3.44 2.42 18.96
C LEU A 298 -4.33 1.90 17.80
N VAL A 299 -5.01 2.85 17.14
CA VAL A 299 -5.66 2.63 15.84
C VAL A 299 -4.82 3.36 14.80
N PRO A 300 -4.93 2.99 13.52
CA PRO A 300 -4.00 3.53 12.52
C PRO A 300 -3.86 5.06 12.41
N PRO A 301 -4.98 5.81 12.38
CA PRO A 301 -4.80 7.27 12.36
C PRO A 301 -3.91 7.80 13.50
N ALA A 302 -4.05 7.25 14.71
CA ALA A 302 -3.27 7.73 15.84
C ALA A 302 -1.80 7.38 15.67
N VAL A 303 -1.53 6.30 14.97
CA VAL A 303 -0.16 5.98 14.60
C VAL A 303 0.36 7.02 13.61
N SER A 304 -0.46 7.37 12.62
CA SER A 304 -0.06 8.37 11.64
C SER A 304 0.21 9.65 12.40
N LEU A 305 -0.60 9.87 13.42
CA LEU A 305 -0.54 11.06 14.24
C LEU A 305 0.78 11.14 15.04
N TRP A 306 1.11 10.06 15.74
CA TRP A 306 2.32 10.03 16.52
C TRP A 306 3.54 10.10 15.65
N LEU A 307 3.50 9.42 14.50
CA LEU A 307 4.62 9.44 13.58
C LEU A 307 4.91 10.85 13.07
N GLN A 308 3.86 11.62 12.76
CA GLN A 308 4.07 12.98 12.28
C GLN A 308 4.62 13.93 13.35
N ALA A 309 4.21 13.76 14.60
CA ALA A 309 4.70 14.63 15.65
C ALA A 309 6.19 14.47 15.86
N LEU A 310 6.66 13.22 15.81
CA LEU A 310 8.08 12.89 15.96
C LEU A 310 8.91 13.51 14.85
N ILE A 311 8.49 13.21 13.62
CA ILE A 311 9.09 13.77 12.41
C ILE A 311 9.12 15.30 12.44
N GLU A 312 8.20 15.90 13.17
CA GLU A 312 8.12 17.36 13.24
C GLU A 312 8.71 17.90 14.53
N GLY A 313 9.48 17.08 15.25
CA GLY A 313 10.20 17.58 16.40
C GLY A 313 10.06 16.96 17.78
N GLU A 314 8.97 16.26 18.05
CA GLU A 314 8.84 15.61 19.36
C GLU A 314 9.94 14.56 19.51
N SER A 315 10.62 14.56 20.65
CA SER A 315 11.68 13.59 20.90
C SER A 315 11.15 12.18 21.11
N ARG A 316 11.89 11.22 20.56
CA ARG A 316 11.54 9.81 20.70
C ARG A 316 12.02 9.31 22.07
N ALA A 317 12.92 10.06 22.69
CA ALA A 317 13.40 9.73 24.04
C ALA A 317 12.24 9.65 25.03
N GLN A 318 11.18 10.41 24.79
CA GLN A 318 9.95 10.36 25.58
C GLN A 318 9.25 9.01 25.52
N LEU A 319 9.56 8.22 24.50
CA LEU A 319 8.92 6.92 24.30
C LEU A 319 9.93 5.80 24.40
N ALA A 320 11.02 6.04 25.13
CA ALA A 320 12.10 5.06 25.24
C ALA A 320 11.59 3.81 25.95
N SER A 321 10.88 4.03 27.05
CA SER A 321 10.30 2.98 27.88
C SER A 321 9.34 2.10 27.11
N LEU A 322 8.80 2.61 26.02
CA LEU A 322 7.80 1.90 25.25
C LEU A 322 8.41 0.67 24.55
N LYS A 323 7.84 -0.50 24.82
CA LYS A 323 8.40 -1.77 24.35
C LYS A 323 7.49 -2.49 23.35
N LEU A 324 6.19 -2.28 23.52
CA LEU A 324 5.19 -2.84 22.61
C LEU A 324 4.12 -1.83 22.23
N LEU A 325 3.84 -1.75 20.94
CA LEU A 325 2.73 -0.95 20.44
C LEU A 325 1.75 -1.85 19.69
N GLN A 326 0.54 -1.98 20.24
CA GLN A 326 -0.53 -2.70 19.57
C GLN A 326 -1.21 -1.78 18.56
N VAL A 327 -1.40 -2.26 17.34
CA VAL A 327 -2.21 -1.55 16.36
C VAL A 327 -3.31 -2.45 15.80
N GLY A 328 -4.56 -1.99 15.88
CA GLY A 328 -5.71 -2.76 15.42
C GLY A 328 -6.95 -1.94 15.14
N GLY A 329 -8.07 -2.62 14.90
CA GLY A 329 -9.35 -1.94 14.68
C GLY A 329 -9.62 -1.60 13.22
N ALA A 330 -8.56 -1.36 12.46
CA ALA A 330 -8.64 -1.02 11.05
C ALA A 330 -7.39 -1.56 10.37
N ARG A 331 -7.31 -1.42 9.05
CA ARG A 331 -6.15 -1.91 8.30
C ARG A 331 -4.92 -1.03 8.47
N LEU A 332 -3.84 -1.65 8.91
CA LEU A 332 -2.55 -0.96 8.95
C LEU A 332 -1.76 -1.29 7.68
N SER A 333 -1.32 -0.27 6.97
CA SER A 333 -0.57 -0.53 5.77
C SER A 333 0.82 -0.99 6.17
N ALA A 334 1.44 -1.77 5.30
CA ALA A 334 2.77 -2.29 5.55
C ALA A 334 3.79 -1.16 5.63
N THR A 335 3.55 -0.12 4.85
CA THR A 335 4.44 1.03 4.87
C THR A 335 4.44 1.66 6.24
N LEU A 336 3.25 1.76 6.83
CA LEU A 336 3.08 2.40 8.11
C LEU A 336 3.65 1.49 9.17
N ALA A 337 3.37 0.21 9.01
CA ALA A 337 3.81 -0.79 9.95
C ALA A 337 5.33 -0.78 10.03
N ALA A 338 5.99 -0.72 8.87
CA ALA A 338 7.45 -0.75 8.80
C ALA A 338 8.08 0.43 9.51
N ARG A 339 7.32 1.52 9.62
CA ARG A 339 7.86 2.73 10.21
C ARG A 339 7.92 2.69 11.75
N ILE A 340 7.12 1.82 12.36
CA ILE A 340 6.98 1.84 13.81
C ILE A 340 8.23 1.42 14.59
N PRO A 341 8.79 0.24 14.32
CA PRO A 341 10.02 -0.05 15.06
C PRO A 341 11.15 0.91 14.74
N ALA A 342 11.14 1.50 13.54
CA ALA A 342 12.25 2.35 13.12
C ALA A 342 12.13 3.78 13.63
N GLU A 343 10.90 4.27 13.75
CA GLU A 343 10.70 5.67 14.11
C GLU A 343 10.20 5.88 15.54
N ILE A 344 9.64 4.84 16.14
CA ILE A 344 9.22 4.88 17.53
C ILE A 344 10.16 4.06 18.43
N GLY A 345 10.72 3.00 17.87
CA GLY A 345 11.76 2.26 18.55
C GLY A 345 11.16 1.29 19.53
N CYS A 346 10.14 0.58 19.07
CA CYS A 346 9.55 -0.51 19.81
C CYS A 346 8.88 -1.50 18.85
N GLN A 347 8.78 -2.74 19.30
CA GLN A 347 8.15 -3.80 18.54
C GLN A 347 6.74 -3.38 18.13
N LEU A 348 6.27 -3.93 17.02
CA LEU A 348 4.88 -3.76 16.60
C LEU A 348 4.07 -5.07 16.81
N GLN A 349 2.82 -4.94 17.25
CA GLN A 349 1.90 -6.07 17.22
C GLN A 349 0.56 -5.75 16.58
N GLN A 350 0.25 -6.43 15.49
CA GLN A 350 -1.00 -6.23 14.80
C GLN A 350 -2.08 -7.04 15.48
N VAL A 351 -3.27 -6.48 15.55
CA VAL A 351 -4.33 -7.06 16.35
C VAL A 351 -5.61 -6.96 15.55
N PHE A 352 -6.02 -8.08 15.00
CA PHE A 352 -7.25 -8.15 14.24
C PHE A 352 -8.28 -8.80 15.14
N GLY A 353 -9.18 -7.98 15.70
CA GLY A 353 -10.20 -8.45 16.60
C GLY A 353 -11.57 -7.94 16.27
N MET A 354 -12.59 -8.68 16.73
CA MET A 354 -13.98 -8.28 16.60
C MET A 354 -14.69 -8.53 17.93
N ALA A 355 -15.69 -7.72 18.23
CA ALA A 355 -16.39 -7.83 19.51
C ALA A 355 -17.22 -9.12 19.57
N GLU A 356 -17.38 -9.75 18.42
CA GLU A 356 -18.10 -11.01 18.31
C GLU A 356 -17.29 -12.12 18.96
N GLY A 357 -15.98 -11.93 18.97
CA GLY A 357 -15.06 -12.86 19.60
C GLY A 357 -13.64 -12.74 19.05
N LEU A 358 -13.31 -13.65 18.12
CA LEU A 358 -11.98 -13.82 17.51
C LEU A 358 -11.03 -12.65 17.62
N VAL A 359 -9.91 -12.85 18.29
CA VAL A 359 -8.84 -11.88 18.23
C VAL A 359 -7.55 -12.56 17.75
N ASN A 360 -7.01 -12.12 16.62
CA ASN A 360 -5.70 -12.60 16.18
C ASN A 360 -4.60 -11.63 16.56
N TYR A 361 -3.42 -12.16 16.85
CA TYR A 361 -2.28 -11.34 17.21
C TYR A 361 -1.06 -11.79 16.45
N THR A 362 -0.23 -10.86 16.02
CA THR A 362 1.15 -11.22 15.73
C THR A 362 1.85 -11.53 17.04
N ARG A 363 2.99 -12.22 16.97
CA ARG A 363 3.64 -12.65 18.19
C ARG A 363 4.94 -11.88 18.44
N LEU A 364 5.29 -11.74 19.71
CA LEU A 364 6.45 -10.96 20.12
C LEU A 364 7.71 -11.51 19.50
N ASP A 365 7.71 -12.81 19.25
CA ASP A 365 8.85 -13.47 18.65
C ASP A 365 8.62 -13.69 17.14
N ASP A 366 7.73 -12.90 16.56
CA ASP A 366 7.60 -12.96 15.11
C ASP A 366 8.76 -12.27 14.45
N SER A 367 8.98 -12.59 13.18
CA SER A 367 9.97 -11.86 12.38
C SER A 367 9.38 -10.47 12.10
N ALA A 368 10.23 -9.53 11.72
CA ALA A 368 9.74 -8.23 11.29
C ALA A 368 8.87 -8.38 10.04
N GLU A 369 9.26 -9.31 9.17
CA GLU A 369 8.48 -9.63 7.96
C GLU A 369 7.04 -9.98 8.30
N LYS A 370 6.85 -11.01 9.13
CA LYS A 370 5.55 -11.45 9.54
C LYS A 370 4.68 -10.33 10.10
N ILE A 371 5.26 -9.54 10.99
CA ILE A 371 4.53 -8.50 11.69
C ILE A 371 4.01 -7.42 10.74
N ILE A 372 4.87 -6.98 9.82
CA ILE A 372 4.58 -5.89 8.88
C ILE A 372 3.42 -6.18 7.91
N HIS A 373 3.36 -7.43 7.44
CA HIS A 373 2.50 -7.79 6.32
C HIS A 373 1.24 -8.51 6.76
N THR A 374 1.25 -9.02 8.00
CA THR A 374 0.15 -9.88 8.46
C THR A 374 -0.56 -9.33 9.66
N GLN A 375 -1.82 -9.73 9.81
CA GLN A 375 -2.64 -9.40 10.97
C GLN A 375 -2.70 -10.54 12.00
N GLY A 376 -1.63 -11.31 12.09
CA GLY A 376 -1.51 -12.39 13.08
C GLY A 376 -2.43 -13.58 12.91
N TYR A 377 -2.21 -14.62 13.73
CA TYR A 377 -3.16 -15.75 13.80
C TYR A 377 -3.95 -15.78 15.12
N PRO A 378 -5.06 -16.55 15.14
CA PRO A 378 -5.93 -16.63 16.34
C PRO A 378 -5.21 -16.96 17.67
N MET A 379 -5.82 -16.53 18.77
CA MET A 379 -5.18 -16.62 20.06
C MET A 379 -5.38 -18.01 20.64
N CYS A 380 -6.46 -18.65 20.21
CA CYS A 380 -6.83 -19.96 20.71
C CYS A 380 -6.64 -21.01 19.63
N PRO A 381 -6.01 -22.13 20.01
CA PRO A 381 -5.87 -23.31 19.15
C PRO A 381 -7.21 -23.82 18.61
N ASP A 382 -8.28 -23.66 19.37
CA ASP A 382 -9.59 -24.09 18.88
C ASP A 382 -10.45 -22.96 18.35
N ASP A 383 -9.84 -21.81 18.05
CA ASP A 383 -10.50 -20.88 17.12
C ASP A 383 -10.51 -21.55 15.74
N GLU A 384 -11.67 -21.99 15.30
CA GLU A 384 -11.74 -22.56 13.97
C GLU A 384 -12.01 -21.45 12.98
N VAL A 385 -10.99 -21.09 12.22
CA VAL A 385 -11.18 -20.13 11.13
C VAL A 385 -11.03 -20.79 9.76
N TRP A 386 -12.06 -20.62 8.92
CA TRP A 386 -11.97 -21.03 7.51
C TRP A 386 -12.48 -19.93 6.55
N VAL A 387 -12.13 -20.07 5.27
CA VAL A 387 -12.40 -19.04 4.27
C VAL A 387 -13.45 -19.54 3.28
N ALA A 388 -14.61 -18.89 3.26
CA ALA A 388 -15.73 -19.32 2.44
C ALA A 388 -15.86 -18.52 1.14
N ASP A 389 -16.15 -19.19 0.03
CA ASP A 389 -16.51 -18.47 -1.18
C ASP A 389 -17.96 -18.01 -1.06
N ALA A 390 -18.42 -17.22 -2.03
CA ALA A 390 -19.76 -16.61 -1.96
C ALA A 390 -20.89 -17.64 -1.99
N GLU A 391 -20.59 -18.84 -2.46
CA GLU A 391 -21.58 -19.91 -2.45
C GLU A 391 -21.56 -20.61 -1.09
N GLY A 392 -20.56 -20.27 -0.28
CA GLY A 392 -20.42 -20.83 1.06
C GLY A 392 -19.47 -22.01 1.18
N ASN A 393 -18.62 -22.20 0.17
CA ASN A 393 -17.75 -23.35 0.12
C ASN A 393 -16.30 -23.04 0.52
N PRO A 394 -15.70 -23.92 1.33
CA PRO A 394 -14.32 -23.79 1.80
C PRO A 394 -13.34 -23.57 0.67
N LEU A 395 -12.19 -22.98 0.98
CA LEU A 395 -11.18 -22.65 -0.01
C LEU A 395 -9.77 -23.03 0.44
N PRO A 396 -8.89 -23.36 -0.52
CA PRO A 396 -7.52 -23.74 -0.14
C PRO A 396 -6.75 -22.59 0.54
N GLN A 397 -5.86 -22.96 1.46
CA GLN A 397 -4.96 -22.02 2.14
C GLN A 397 -4.30 -21.09 1.14
N GLY A 398 -4.40 -19.79 1.38
CA GLY A 398 -3.80 -18.84 0.49
C GLY A 398 -4.77 -18.25 -0.51
N GLU A 399 -6.00 -18.77 -0.58
CA GLU A 399 -6.98 -18.17 -1.47
C GLU A 399 -7.74 -17.08 -0.71
N VAL A 400 -8.40 -16.18 -1.46
CA VAL A 400 -9.09 -15.03 -0.86
C VAL A 400 -10.61 -15.22 -0.74
N GLY A 401 -11.15 -15.00 0.46
CA GLY A 401 -12.59 -15.04 0.69
C GLY A 401 -13.10 -14.63 2.06
N ARG A 402 -14.34 -15.04 2.35
CA ARG A 402 -15.10 -14.65 3.55
C ARG A 402 -14.70 -15.39 4.83
N LEU A 403 -14.61 -14.65 5.92
CA LEU A 403 -14.18 -15.19 7.21
C LEU A 403 -15.34 -15.87 7.92
N MET A 404 -15.22 -17.18 8.10
CA MET A 404 -16.11 -17.94 8.96
C MET A 404 -15.31 -18.36 10.20
N THR A 405 -15.97 -18.41 11.35
CA THR A 405 -15.27 -18.64 12.60
C THR A 405 -16.20 -19.00 13.74
N ARG A 406 -15.74 -19.91 14.61
CA ARG A 406 -16.44 -20.17 15.85
C ARG A 406 -15.37 -20.55 16.85
N GLY A 407 -15.71 -20.52 18.13
CA GLY A 407 -14.74 -20.82 19.16
C GLY A 407 -15.25 -20.52 20.54
N PRO A 408 -14.42 -20.78 21.56
CA PRO A 408 -14.72 -20.70 22.99
C PRO A 408 -14.83 -19.28 23.55
N TYR A 409 -14.71 -18.27 22.70
CA TYR A 409 -14.96 -16.91 23.15
C TYR A 409 -15.64 -16.10 22.04
N THR A 410 -16.19 -16.83 21.08
CA THR A 410 -16.91 -16.24 20.00
C THR A 410 -18.38 -16.55 20.20
N PHE A 411 -19.18 -15.50 20.21
CA PHE A 411 -20.58 -15.59 20.59
C PHE A 411 -21.40 -16.46 19.62
N ARG A 412 -22.56 -16.93 20.05
CA ARG A 412 -23.46 -17.74 19.22
C ARG A 412 -24.74 -16.98 18.86
N GLY A 413 -24.82 -15.73 19.30
CA GLY A 413 -25.89 -14.85 18.86
C GLY A 413 -26.06 -13.53 19.59
N TYR A 414 -26.33 -12.47 18.82
CA TYR A 414 -26.71 -11.17 19.40
C TYR A 414 -27.90 -11.27 20.35
N TYR A 415 -28.11 -10.24 21.17
CA TYR A 415 -29.11 -10.28 22.25
C TYR A 415 -30.49 -10.02 21.72
N LYS A 416 -31.41 -10.94 21.99
CA LYS A 416 -32.80 -10.86 21.51
C LYS A 416 -32.86 -10.48 20.02
N SER A 417 -32.19 -11.25 19.17
CA SER A 417 -32.21 -11.00 17.74
C SER A 417 -32.29 -12.31 16.95
N PRO A 418 -33.36 -13.09 17.17
CA PRO A 418 -33.41 -14.39 16.50
C PRO A 418 -33.41 -14.27 14.98
N GLN A 419 -34.07 -13.25 14.43
CA GLN A 419 -34.17 -13.13 12.99
C GLN A 419 -32.78 -12.89 12.47
N HIS A 420 -32.13 -11.87 12.98
CA HIS A 420 -30.81 -11.51 12.49
C HIS A 420 -29.82 -12.66 12.67
N ASN A 421 -29.87 -13.35 13.81
CA ASN A 421 -28.94 -14.46 14.08
C ASN A 421 -29.04 -15.61 13.09
N ALA A 422 -30.24 -15.81 12.53
CA ALA A 422 -30.45 -16.82 11.49
C ALA A 422 -29.62 -16.50 10.25
N SER A 423 -29.49 -15.21 9.93
CA SER A 423 -28.72 -14.86 8.76
C SER A 423 -27.26 -14.58 9.12
N ALA A 424 -26.95 -14.60 10.42
CA ALA A 424 -25.61 -14.24 10.90
C ALA A 424 -24.73 -15.46 11.13
N PHE A 425 -25.35 -16.60 11.36
CA PHE A 425 -24.60 -17.84 11.59
C PHE A 425 -24.99 -18.91 10.57
N ASP A 426 -24.05 -19.75 10.18
CA ASP A 426 -24.40 -20.85 9.30
C ASP A 426 -24.94 -22.01 10.12
N ALA A 427 -25.26 -23.09 9.43
CA ALA A 427 -25.85 -24.29 10.01
C ALA A 427 -25.06 -24.86 11.18
N ASN A 428 -23.75 -24.74 11.12
CA ASN A 428 -22.88 -25.34 12.13
C ASN A 428 -22.37 -24.32 13.15
N GLY A 429 -22.99 -23.15 13.17
CA GLY A 429 -22.69 -22.16 14.19
C GLY A 429 -21.48 -21.30 13.90
N PHE A 430 -21.00 -21.33 12.67
CA PHE A 430 -19.95 -20.41 12.26
C PHE A 430 -20.53 -19.02 12.04
N TYR A 431 -19.86 -18.02 12.59
CA TYR A 431 -20.26 -16.64 12.44
C TYR A 431 -19.55 -16.09 11.21
N CYS A 432 -20.18 -15.15 10.52
CA CYS A 432 -19.54 -14.52 9.37
C CYS A 432 -19.15 -13.07 9.67
N SER A 433 -17.86 -12.79 9.75
CA SER A 433 -17.43 -11.47 10.20
C SER A 433 -17.60 -10.37 9.15
N GLY A 434 -17.85 -10.77 7.91
CA GLY A 434 -18.07 -9.81 6.84
C GLY A 434 -16.76 -9.23 6.37
N ASP A 435 -15.67 -9.90 6.75
CA ASP A 435 -14.35 -9.52 6.31
C ASP A 435 -13.84 -10.45 5.20
N LEU A 436 -12.97 -9.92 4.35
CA LEU A 436 -12.36 -10.73 3.30
C LEU A 436 -10.92 -10.96 3.69
N ILE A 437 -10.55 -12.23 3.81
CA ILE A 437 -9.25 -12.60 4.34
C ILE A 437 -8.59 -13.70 3.52
N SER A 438 -7.27 -13.77 3.60
CA SER A 438 -6.54 -14.90 3.06
C SER A 438 -5.64 -15.41 4.17
N ILE A 439 -5.33 -16.72 4.15
CA ILE A 439 -4.46 -17.34 5.15
C ILE A 439 -3.15 -17.81 4.52
N ASP A 440 -2.01 -17.37 5.04
CA ASP A 440 -0.76 -17.85 4.49
C ASP A 440 -0.47 -19.27 5.02
N PRO A 441 0.53 -19.98 4.46
CA PRO A 441 0.79 -21.35 4.92
C PRO A 441 0.82 -21.47 6.44
N GLU A 442 1.82 -20.88 7.06
CA GLU A 442 1.95 -20.79 8.52
C GLU A 442 0.66 -20.51 9.32
N GLY A 443 -0.42 -20.12 8.64
CA GLY A 443 -1.69 -19.86 9.32
C GLY A 443 -2.01 -18.40 9.62
N TYR A 444 -1.01 -17.53 9.50
CA TYR A 444 -1.23 -16.11 9.64
C TYR A 444 -2.32 -15.60 8.73
N ILE A 445 -3.02 -14.57 9.20
CA ILE A 445 -4.17 -13.99 8.50
C ILE A 445 -3.88 -12.57 8.02
N THR A 446 -4.26 -12.33 6.78
CA THR A 446 -4.15 -11.01 6.16
C THR A 446 -5.53 -10.63 5.66
N VAL A 447 -6.08 -9.56 6.23
CA VAL A 447 -7.38 -9.05 5.79
C VAL A 447 -7.24 -8.50 4.37
N GLN A 448 -8.12 -8.90 3.46
CA GLN A 448 -8.04 -8.48 2.06
C GLN A 448 -9.11 -7.45 1.70
N GLY A 449 -10.22 -7.44 2.44
CA GLY A 449 -11.28 -6.51 2.15
C GLY A 449 -12.42 -6.74 3.09
N ARG A 450 -13.56 -6.12 2.79
CA ARG A 450 -14.72 -6.21 3.65
C ARG A 450 -15.94 -6.51 2.79
N GLU A 451 -16.89 -7.27 3.33
CA GLU A 451 -18.12 -7.58 2.60
C GLU A 451 -19.32 -6.84 3.20
N LYS A 452 -19.37 -6.79 4.52
CA LYS A 452 -20.42 -6.09 5.26
C LYS A 452 -20.51 -4.61 4.88
N ASP A 453 -21.65 -3.98 5.17
CA ASP A 453 -21.88 -2.62 4.71
C ASP A 453 -21.69 -1.60 5.82
N GLN A 454 -20.43 -1.34 6.16
CA GLN A 454 -20.11 -0.42 7.22
C GLN A 454 -18.88 0.42 6.86
N ILE A 455 -18.72 1.57 7.51
CA ILE A 455 -17.53 2.36 7.30
C ILE A 455 -16.62 2.09 8.48
N ASN A 456 -15.33 1.97 8.21
CA ASN A 456 -14.39 1.81 9.28
C ASN A 456 -13.63 3.11 9.39
N ARG A 457 -14.16 4.01 10.21
CA ARG A 457 -13.67 5.36 10.26
C ARG A 457 -12.69 5.48 11.43
N GLY A 458 -11.42 5.27 11.14
CA GLY A 458 -10.41 5.29 12.17
C GLY A 458 -10.63 4.29 13.28
N GLY A 459 -11.45 3.28 13.02
CA GLY A 459 -11.66 2.21 13.99
C GLY A 459 -13.03 2.21 14.59
N GLU A 460 -13.76 3.32 14.44
CA GLU A 460 -15.17 3.35 14.82
C GLU A 460 -16.03 2.82 13.68
N LYS A 461 -16.97 1.97 14.02
CA LYS A 461 -17.82 1.34 13.02
C LYS A 461 -19.13 2.11 12.81
N ILE A 462 -19.38 2.44 11.55
CA ILE A 462 -20.60 3.12 11.16
C ILE A 462 -21.38 2.17 10.28
N ALA A 463 -22.63 1.89 10.63
CA ALA A 463 -23.49 1.11 9.76
C ALA A 463 -24.11 2.05 8.74
N ALA A 464 -23.93 1.73 7.47
CA ALA A 464 -24.56 2.52 6.41
C ALA A 464 -26.07 2.53 6.58
N GLU A 465 -26.64 1.37 6.89
CA GLU A 465 -28.08 1.25 6.99
C GLU A 465 -28.62 2.20 8.02
N GLU A 466 -28.01 2.21 9.20
CA GLU A 466 -28.48 3.10 10.26
C GLU A 466 -28.51 4.57 9.83
N ILE A 467 -27.45 5.02 9.16
CA ILE A 467 -27.33 6.43 8.82
C ILE A 467 -28.28 6.81 7.69
N GLU A 468 -28.61 5.82 6.86
CA GLU A 468 -29.49 6.04 5.73
C GLU A 468 -30.95 6.29 6.13
N ASN A 469 -31.46 5.54 7.11
CA ASN A 469 -32.85 5.73 7.57
C ASN A 469 -33.02 7.10 8.16
N LEU A 470 -31.99 7.59 8.83
CA LEU A 470 -32.06 8.90 9.45
C LEU A 470 -32.16 9.94 8.36
N LEU A 471 -31.24 9.86 7.40
CA LEU A 471 -31.28 10.70 6.22
C LEU A 471 -32.68 10.73 5.59
N LEU A 472 -33.20 9.57 5.22
CA LEU A 472 -34.53 9.48 4.61
C LEU A 472 -35.62 10.16 5.46
N ARG A 473 -35.30 10.51 6.71
CA ARG A 473 -36.26 11.20 7.56
C ARG A 473 -36.23 12.71 7.30
N HIS A 474 -35.18 13.19 6.67
CA HIS A 474 -35.18 14.58 6.25
C HIS A 474 -36.10 14.74 5.05
N PRO A 475 -37.00 15.74 5.11
CA PRO A 475 -38.13 15.91 4.16
C PRO A 475 -37.69 16.02 2.70
N ALA A 476 -36.55 16.66 2.49
CA ALA A 476 -36.03 16.84 1.15
C ALA A 476 -35.38 15.57 0.61
N VAL A 477 -35.15 14.59 1.48
CA VAL A 477 -34.43 13.39 1.05
C VAL A 477 -35.37 12.25 0.65
N ILE A 478 -35.16 11.70 -0.55
CA ILE A 478 -35.98 10.61 -1.06
C ILE A 478 -35.22 9.27 -1.20
N TYR A 479 -33.93 9.36 -1.54
CA TYR A 479 -33.10 8.16 -1.51
C TYR A 479 -31.74 8.48 -0.92
N ALA A 480 -31.15 7.50 -0.24
CA ALA A 480 -29.85 7.72 0.38
C ALA A 480 -28.91 6.50 0.30
N ALA A 481 -27.62 6.79 0.16
CA ALA A 481 -26.63 5.73 0.22
C ALA A 481 -25.38 6.23 0.93
N LEU A 482 -25.02 5.53 2.00
CA LEU A 482 -23.77 5.81 2.67
C LEU A 482 -22.73 4.79 2.21
N VAL A 483 -21.62 5.27 1.66
CA VAL A 483 -20.50 4.41 1.29
C VAL A 483 -19.25 4.96 1.94
N SER A 484 -18.15 4.20 1.84
CA SER A 484 -16.88 4.62 2.42
C SER A 484 -15.93 5.07 1.33
N MET A 485 -15.00 5.94 1.69
CA MET A 485 -14.02 6.43 0.75
C MET A 485 -12.68 6.46 1.45
N GLU A 486 -11.62 6.29 0.68
CA GLU A 486 -10.32 6.26 1.30
C GLU A 486 -9.97 7.63 1.86
N ASP A 487 -9.29 7.61 3.00
CA ASP A 487 -8.68 8.82 3.54
C ASP A 487 -7.30 8.46 4.09
N GLU A 488 -6.28 9.18 3.63
CA GLU A 488 -4.91 8.93 4.01
C GLU A 488 -4.75 8.90 5.53
N LEU A 489 -5.53 9.74 6.21
CA LEU A 489 -5.39 9.89 7.64
C LEU A 489 -6.33 9.01 8.43
N MET A 490 -7.62 9.07 8.11
CA MET A 490 -8.62 8.37 8.89
C MET A 490 -8.70 6.90 8.49
N GLY A 491 -8.10 6.58 7.35
CA GLY A 491 -8.24 5.26 6.75
C GLY A 491 -9.41 5.27 5.79
N GLU A 492 -10.60 5.37 6.36
CA GLU A 492 -11.84 5.53 5.60
C GLU A 492 -12.64 6.68 6.20
N LYS A 493 -13.30 7.44 5.34
CA LYS A 493 -14.33 8.39 5.78
C LYS A 493 -15.67 7.99 5.15
N SER A 494 -16.74 8.72 5.46
CA SER A 494 -18.06 8.36 4.96
C SER A 494 -18.58 9.35 3.93
N CYS A 495 -19.19 8.83 2.86
CA CYS A 495 -19.85 9.67 1.85
C CYS A 495 -21.34 9.35 1.76
N ALA A 496 -22.16 10.39 1.80
CA ALA A 496 -23.60 10.21 1.64
C ALA A 496 -24.11 10.73 0.29
N TYR A 497 -24.45 9.80 -0.59
CA TYR A 497 -25.08 10.15 -1.86
C TYR A 497 -26.60 10.24 -1.70
N LEU A 498 -27.16 11.39 -2.07
CA LEU A 498 -28.58 11.62 -1.92
C LEU A 498 -29.20 12.14 -3.22
N VAL A 499 -30.39 11.65 -3.55
CA VAL A 499 -31.24 12.34 -4.51
C VAL A 499 -32.31 13.05 -3.69
N VAL A 500 -32.48 14.35 -3.94
CA VAL A 500 -33.26 15.19 -3.04
C VAL A 500 -34.24 16.10 -3.75
N LYS A 501 -35.30 16.49 -3.05
CA LYS A 501 -36.31 17.41 -3.61
C LYS A 501 -35.68 18.78 -3.83
N GLU A 502 -35.43 19.50 -2.75
CA GLU A 502 -34.69 20.75 -2.81
C GLU A 502 -33.25 20.44 -2.44
N PRO A 503 -32.28 21.16 -3.04
CA PRO A 503 -30.85 20.90 -2.84
C PRO A 503 -30.35 21.09 -1.40
N LEU A 504 -29.43 20.22 -0.98
CA LEU A 504 -28.90 20.29 0.38
C LEU A 504 -27.39 20.53 0.42
N ARG A 505 -26.96 21.43 1.30
CA ARG A 505 -25.53 21.56 1.57
C ARG A 505 -25.11 20.49 2.57
N ALA A 506 -23.84 20.10 2.53
CA ALA A 506 -23.31 19.11 3.46
C ALA A 506 -23.55 19.52 4.93
N VAL A 507 -23.27 20.79 5.23
CA VAL A 507 -23.45 21.31 6.58
C VAL A 507 -24.90 21.19 7.06
N GLN A 508 -25.85 21.34 6.14
CA GLN A 508 -27.26 21.14 6.46
C GLN A 508 -27.56 19.72 6.87
N VAL A 509 -26.94 18.77 6.17
CA VAL A 509 -27.18 17.35 6.42
C VAL A 509 -26.56 16.95 7.75
N ARG A 510 -25.29 17.28 7.93
CA ARG A 510 -24.62 17.02 9.20
C ARG A 510 -25.40 17.63 10.38
N ARG A 511 -25.81 18.88 10.23
CA ARG A 511 -26.60 19.55 11.27
C ARG A 511 -27.91 18.83 11.56
N PHE A 512 -28.68 18.55 10.52
CA PHE A 512 -29.90 17.77 10.66
C PHE A 512 -29.67 16.46 11.42
N LEU A 513 -28.54 15.79 11.15
CA LEU A 513 -28.25 14.52 11.82
C LEU A 513 -27.93 14.73 13.29
N ARG A 514 -27.23 15.84 13.56
CA ARG A 514 -26.95 16.20 14.93
C ARG A 514 -28.28 16.34 15.66
N GLU A 515 -29.24 17.03 15.05
CA GLU A 515 -30.58 17.17 15.65
C GLU A 515 -31.25 15.83 15.94
N GLN A 516 -30.71 14.76 15.35
CA GLN A 516 -31.26 13.42 15.59
C GLN A 516 -30.53 12.77 16.76
N GLY A 517 -29.48 13.42 17.23
CA GLY A 517 -28.73 12.97 18.39
C GLY A 517 -27.97 11.69 18.15
N ILE A 518 -26.96 11.78 17.30
CA ILE A 518 -26.13 10.63 17.03
C ILE A 518 -24.68 10.96 17.32
N ALA A 519 -23.88 9.94 17.57
CA ALA A 519 -22.45 10.10 17.78
C ALA A 519 -21.85 10.97 16.69
N GLU A 520 -20.99 11.89 17.07
CA GLU A 520 -20.46 12.89 16.16
C GLU A 520 -19.76 12.23 15.01
N PHE A 521 -19.11 11.11 15.28
CA PHE A 521 -18.32 10.44 14.26
C PHE A 521 -19.19 9.88 13.13
N LYS A 522 -20.49 9.79 13.37
CA LYS A 522 -21.43 9.22 12.41
C LYS A 522 -22.01 10.26 11.42
N LEU A 523 -21.68 11.53 11.59
CA LEU A 523 -22.09 12.55 10.62
C LEU A 523 -21.25 12.37 9.35
N PRO A 524 -21.89 12.40 8.17
CA PRO A 524 -21.20 12.14 6.91
C PRO A 524 -20.06 13.12 6.59
N ASP A 525 -18.91 12.56 6.24
CA ASP A 525 -17.74 13.38 5.91
C ASP A 525 -17.93 14.11 4.60
N ARG A 526 -18.67 13.47 3.69
CA ARG A 526 -18.98 14.04 2.39
C ARG A 526 -20.45 13.83 2.08
N VAL A 527 -21.01 14.78 1.35
CA VAL A 527 -22.36 14.67 0.83
C VAL A 527 -22.34 15.14 -0.62
N GLU A 528 -22.73 14.26 -1.52
CA GLU A 528 -22.89 14.65 -2.89
C GLU A 528 -24.34 14.44 -3.23
N CYS A 529 -25.04 15.51 -3.60
CA CYS A 529 -26.39 15.37 -4.11
C CYS A 529 -26.32 14.95 -5.57
N VAL A 530 -27.26 14.10 -5.99
CA VAL A 530 -27.22 13.55 -7.33
C VAL A 530 -28.61 13.47 -7.93
N ASP A 531 -28.67 13.43 -9.26
CA ASP A 531 -29.93 13.38 -10.00
C ASP A 531 -30.74 12.11 -9.67
N SER A 532 -30.04 11.01 -9.44
CA SER A 532 -30.70 9.72 -9.36
C SER A 532 -29.77 8.72 -8.74
N LEU A 533 -30.24 7.50 -8.56
CA LEU A 533 -29.45 6.46 -7.93
C LEU A 533 -29.91 5.08 -8.39
N PRO A 534 -28.98 4.13 -8.56
CA PRO A 534 -29.42 2.77 -8.86
C PRO A 534 -30.21 2.21 -7.69
N LEU A 535 -31.49 1.94 -7.94
CA LEU A 535 -32.36 1.42 -6.88
C LEU A 535 -32.47 -0.10 -6.89
N THR A 536 -32.41 -0.69 -5.70
CA THR A 536 -32.66 -2.11 -5.53
C THR A 536 -34.06 -2.41 -6.03
N ALA A 537 -34.24 -3.60 -6.61
CA ALA A 537 -35.53 -3.97 -7.19
C ALA A 537 -36.65 -4.03 -6.15
N VAL A 538 -36.32 -3.78 -4.88
CA VAL A 538 -37.32 -3.81 -3.81
C VAL A 538 -37.36 -2.53 -2.96
N GLY A 539 -37.01 -1.40 -3.56
CA GLY A 539 -37.27 -0.10 -2.93
C GLY A 539 -36.09 0.77 -2.56
N LYS A 540 -35.02 0.19 -2.03
CA LYS A 540 -33.88 0.96 -1.54
C LYS A 540 -32.80 1.17 -2.61
N VAL A 541 -31.59 1.49 -2.18
CA VAL A 541 -30.50 1.81 -3.09
C VAL A 541 -29.51 0.67 -3.22
N ASP A 542 -29.13 0.38 -4.47
CA ASP A 542 -28.24 -0.74 -4.73
C ASP A 542 -26.76 -0.37 -4.61
N LYS A 543 -26.15 -0.82 -3.51
CA LYS A 543 -24.76 -0.48 -3.20
C LYS A 543 -23.72 -1.27 -4.03
N LYS A 544 -23.94 -2.58 -4.16
CA LYS A 544 -23.06 -3.41 -4.99
C LYS A 544 -23.30 -3.20 -6.49
N GLN A 545 -24.08 -2.18 -6.81
CA GLN A 545 -24.21 -1.69 -8.17
C GLN A 545 -23.80 -0.22 -8.16
N LEU A 546 -23.89 0.38 -6.98
CA LEU A 546 -23.52 1.78 -6.76
C LEU A 546 -22.03 1.97 -6.93
N ARG A 547 -21.25 0.98 -6.49
CA ARG A 547 -19.79 1.05 -6.61
C ARG A 547 -19.41 1.19 -8.07
N GLN A 548 -20.04 0.38 -8.91
CA GLN A 548 -19.73 0.38 -10.34
C GLN A 548 -20.56 1.41 -11.09
N TRP A 549 -21.72 1.77 -10.52
CA TRP A 549 -22.48 2.91 -11.01
C TRP A 549 -21.61 4.17 -10.87
N LEU A 550 -20.91 4.26 -9.74
CA LEU A 550 -20.05 5.40 -9.43
C LEU A 550 -18.84 5.52 -10.35
N ALA A 551 -18.17 4.40 -10.61
CA ALA A 551 -16.95 4.42 -11.43
C ALA A 551 -17.27 4.63 -12.92
N SER A 552 -18.57 4.52 -13.24
CA SER A 552 -19.05 4.72 -14.60
C SER A 552 -19.86 6.03 -14.77
N ARG A 553 -20.07 6.73 -13.66
CA ARG A 553 -20.64 8.07 -13.72
C ARG A 553 -19.51 9.11 -13.83
N ALA A 554 -18.39 8.82 -13.16
CA ALA A 554 -17.22 9.68 -13.21
C ALA A 554 -16.32 9.32 -14.38
N SER A 555 -16.63 8.19 -15.03
CA SER A 555 -15.92 7.74 -16.23
C SER A 555 -16.20 8.67 -17.42
N ALA A 556 -17.43 9.16 -17.50
CA ALA A 556 -17.81 10.23 -18.44
C ALA A 556 -17.19 11.55 -17.99
N GLY A 557 -16.00 11.84 -18.51
CA GLY A 557 -15.19 12.93 -18.02
C GLY A 557 -13.89 12.34 -17.51
N PRO A 562 -12.79 16.72 -25.51
CA PRO A 562 -12.65 18.09 -25.03
C PRO A 562 -13.40 19.07 -25.91
N ALA A 563 -14.27 19.86 -25.27
CA ALA A 563 -15.15 20.81 -25.95
C ALA A 563 -14.42 21.74 -26.92
N SER A 564 -13.65 22.68 -26.38
CA SER A 564 -12.95 23.68 -27.18
C SER A 564 -11.45 23.46 -27.08
N LYS A 565 -10.65 24.33 -27.69
CA LYS A 565 -9.21 24.27 -27.45
C LYS A 565 -8.97 24.62 -25.98
N ALA A 566 -9.82 25.48 -25.48
CA ALA A 566 -9.77 25.89 -24.08
C ALA A 566 -10.01 24.71 -23.17
N ALA A 567 -10.90 23.83 -23.59
CA ALA A 567 -11.30 22.68 -22.78
C ALA A 567 -10.21 21.63 -22.77
N LEU A 568 -9.60 21.43 -23.94
CA LEU A 568 -8.42 20.58 -24.03
C LEU A 568 -7.35 21.08 -23.10
N ARG A 569 -7.12 22.38 -23.11
CA ARG A 569 -6.10 22.98 -22.25
C ARG A 569 -6.42 22.72 -20.78
N GLU A 570 -7.69 22.83 -20.42
CA GLU A 570 -8.13 22.55 -19.06
C GLU A 570 -7.80 21.12 -18.64
N VAL A 571 -7.81 20.19 -19.61
CA VAL A 571 -7.54 18.77 -19.36
C VAL A 571 -6.02 18.49 -19.25
N ILE A 572 -5.25 19.07 -20.16
CA ILE A 572 -3.82 18.83 -20.21
C ILE A 572 -3.03 19.30 -18.98
N LEU A 573 -3.19 20.56 -18.60
CA LEU A 573 -2.38 21.19 -17.54
C LEU A 573 -2.23 20.44 -16.19
N PRO A 574 -3.33 19.94 -15.60
CA PRO A 574 -3.15 19.25 -14.32
C PRO A 574 -2.30 18.00 -14.45
N LEU A 575 -2.15 17.49 -15.67
CA LEU A 575 -1.36 16.29 -15.91
C LEU A 575 0.12 16.62 -15.95
N LEU A 576 0.44 17.78 -16.52
CA LEU A 576 1.82 18.24 -16.57
C LEU A 576 2.28 19.05 -15.34
N ASP A 577 3.50 19.57 -15.42
CA ASP A 577 4.17 20.28 -14.32
C ASP A 577 3.39 21.51 -13.84
N GLU A 578 3.19 21.58 -12.53
CA GLU A 578 2.44 22.66 -11.88
C GLU A 578 3.13 24.02 -12.05
N SER A 579 4.45 23.99 -12.16
CA SER A 579 5.27 25.21 -12.22
C SER A 579 4.93 26.16 -13.38
N ASP A 580 5.37 25.83 -14.59
CA ASP A 580 5.23 26.72 -15.73
C ASP A 580 3.89 26.55 -16.48
N GLU A 581 3.64 27.42 -17.45
CA GLU A 581 2.47 27.28 -18.31
C GLU A 581 2.92 27.32 -19.78
N PRO A 582 2.47 26.35 -20.58
CA PRO A 582 2.95 26.18 -21.96
C PRO A 582 2.19 26.96 -23.01
N PHE A 583 2.86 27.26 -24.12
CA PHE A 583 2.21 27.79 -25.32
C PHE A 583 1.65 26.63 -26.12
N ASP A 584 0.77 26.95 -27.07
CA ASP A 584 0.02 25.94 -27.81
C ASP A 584 0.94 25.18 -28.73
N ASP A 585 2.09 25.78 -29.05
CA ASP A 585 3.03 25.14 -29.96
C ASP A 585 4.23 24.51 -29.24
N ASP A 586 4.23 24.59 -27.91
CA ASP A 586 5.29 23.99 -27.11
C ASP A 586 5.23 22.47 -27.06
N ASN A 587 6.39 21.83 -26.96
CA ASN A 587 6.42 20.39 -26.73
C ASN A 587 6.09 20.12 -25.26
N LEU A 588 4.94 19.48 -25.04
CA LEU A 588 4.40 19.22 -23.71
C LEU A 588 5.25 18.28 -22.87
N ILE A 589 6.10 17.50 -23.53
CA ILE A 589 7.08 16.71 -22.80
C ILE A 589 8.13 17.61 -22.11
N ASP A 590 8.38 18.78 -22.68
CA ASP A 590 9.29 19.75 -22.05
C ASP A 590 8.68 20.38 -20.81
N TYR A 591 7.38 20.15 -20.63
CA TYR A 591 6.69 20.62 -19.44
C TYR A 591 6.34 19.41 -18.60
N GLY A 592 6.93 18.26 -18.93
CA GLY A 592 6.87 17.08 -18.09
C GLY A 592 5.63 16.22 -18.19
N LEU A 593 5.03 16.17 -19.37
CA LEU A 593 3.91 15.28 -19.63
C LEU A 593 4.41 13.85 -19.95
N ASP A 594 4.26 12.93 -19.02
CA ASP A 594 4.80 11.59 -19.21
C ASP A 594 3.99 10.76 -20.21
N SER A 595 4.60 9.72 -20.77
CA SER A 595 3.98 8.96 -21.84
C SER A 595 2.77 8.13 -21.42
N VAL A 596 2.72 7.71 -20.16
CA VAL A 596 1.59 6.88 -19.74
C VAL A 596 0.30 7.73 -19.65
N ARG A 597 0.42 8.95 -19.16
CA ARG A 597 -0.70 9.88 -19.18
C ARG A 597 -1.09 10.20 -20.61
N MET A 598 -0.09 10.27 -21.47
CA MET A 598 -0.33 10.42 -22.89
C MET A 598 -1.05 9.19 -23.48
N MET A 599 -0.58 7.99 -23.16
CA MET A 599 -1.27 6.77 -23.63
C MET A 599 -2.72 6.72 -23.18
N ALA A 600 -2.96 7.11 -21.94
CA ALA A 600 -4.32 7.11 -21.43
C ALA A 600 -5.21 8.09 -22.20
N LEU A 601 -4.66 9.26 -22.52
CA LEU A 601 -5.40 10.27 -23.27
C LEU A 601 -5.84 9.73 -24.63
N ALA A 602 -4.93 9.01 -25.28
CA ALA A 602 -5.23 8.35 -26.53
C ALA A 602 -6.41 7.35 -26.41
N ALA A 603 -6.32 6.42 -25.46
CA ALA A 603 -7.36 5.42 -25.27
C ALA A 603 -8.73 6.09 -25.12
N ARG A 604 -8.76 7.19 -24.39
CA ARG A 604 -9.97 8.00 -24.26
C ARG A 604 -10.42 8.68 -25.57
N TRP A 605 -9.50 9.32 -26.28
CA TRP A 605 -9.90 10.07 -27.47
C TRP A 605 -10.17 9.17 -28.68
N ARG A 606 -9.80 7.90 -28.57
CA ARG A 606 -10.03 6.98 -29.67
C ARG A 606 -11.54 6.67 -29.85
N LYS A 607 -12.28 6.84 -28.76
CA LYS A 607 -13.70 6.51 -28.77
C LYS A 607 -14.50 7.53 -29.60
N VAL A 608 -13.90 8.68 -29.85
CA VAL A 608 -14.47 9.62 -30.79
C VAL A 608 -13.79 9.52 -32.14
N HIS A 609 -12.48 9.71 -32.17
CA HIS A 609 -11.70 9.59 -33.40
C HIS A 609 -10.90 8.31 -33.42
N GLY A 610 -11.45 7.31 -34.11
CA GLY A 610 -10.93 5.96 -34.06
C GLY A 610 -9.57 5.73 -34.67
N ASP A 611 -8.89 6.81 -35.08
CA ASP A 611 -7.56 6.70 -35.66
C ASP A 611 -6.46 7.24 -34.74
N ILE A 612 -6.82 7.62 -33.52
CA ILE A 612 -5.84 8.19 -32.61
C ILE A 612 -5.26 7.11 -31.72
N ASP A 613 -3.95 7.02 -31.70
CA ASP A 613 -3.22 6.11 -30.82
C ASP A 613 -2.16 6.90 -30.06
N PHE A 614 -1.41 6.23 -29.20
CA PHE A 614 -0.29 6.89 -28.54
C PHE A 614 0.70 7.45 -29.54
N VAL A 615 0.99 6.68 -30.58
CA VAL A 615 1.93 7.10 -31.59
C VAL A 615 1.56 8.45 -32.21
N MET A 616 0.28 8.65 -32.51
CA MET A 616 -0.17 9.87 -33.15
C MET A 616 0.00 11.06 -32.22
N LEU A 617 -0.32 10.86 -30.94
CA LEU A 617 -0.16 11.92 -29.97
C LEU A 617 1.32 12.27 -29.74
N ALA A 618 2.17 11.24 -29.74
CA ALA A 618 3.57 11.41 -29.33
C ALA A 618 4.44 12.01 -30.42
N LYS A 619 4.03 11.78 -31.67
CA LYS A 619 4.79 12.28 -32.82
C LYS A 619 4.83 13.80 -32.82
N ASN A 620 3.85 14.42 -32.16
CA ASN A 620 3.70 15.87 -32.21
C ASN A 620 2.94 16.35 -30.97
N PRO A 621 3.61 16.31 -29.81
CA PRO A 621 2.91 16.51 -28.55
C PRO A 621 2.75 18.00 -28.25
N THR A 622 1.78 18.64 -28.90
CA THR A 622 1.45 20.03 -28.64
C THR A 622 -0.07 20.18 -28.54
N ILE A 623 -0.52 21.18 -27.78
CA ILE A 623 -1.94 21.54 -27.73
C ILE A 623 -2.51 21.83 -29.12
N ASP A 624 -1.73 22.52 -29.95
CA ASP A 624 -2.15 22.82 -31.30
C ASP A 624 -2.43 21.56 -32.11
N ALA A 625 -1.46 20.66 -32.16
CA ALA A 625 -1.61 19.44 -32.95
C ALA A 625 -2.76 18.58 -32.44
N TRP A 626 -2.90 18.52 -31.11
CA TRP A 626 -3.93 17.67 -30.51
C TRP A 626 -5.30 18.28 -30.70
N TRP A 627 -5.39 19.59 -30.58
CA TRP A 627 -6.63 20.28 -30.90
C TRP A 627 -7.00 20.08 -32.37
N LYS A 628 -6.03 20.21 -33.26
CA LYS A 628 -6.26 19.97 -34.68
C LYS A 628 -6.91 18.61 -34.93
N LEU A 629 -6.38 17.57 -34.27
CA LEU A 629 -6.92 16.22 -34.42
C LEU A 629 -8.29 16.08 -33.79
N LEU A 630 -8.45 16.58 -32.58
CA LEU A 630 -9.71 16.49 -31.83
C LEU A 630 -10.84 17.26 -32.48
N SER A 631 -10.50 18.38 -33.13
CA SER A 631 -11.51 19.27 -33.68
C SER A 631 -11.96 18.85 -35.08
N ARG A 632 -11.37 17.79 -35.62
CA ARG A 632 -11.77 17.27 -36.92
C ARG A 632 -13.19 16.74 -36.85
N GLU A 633 -13.88 16.70 -37.99
CA GLU A 633 -15.15 15.99 -38.09
C GLU A 633 -14.87 14.51 -37.84
N VAL A 634 -15.83 13.82 -37.24
CA VAL A 634 -15.72 12.38 -37.04
C VAL A 634 -15.82 11.77 -38.43
N LYS A 635 -14.84 10.95 -38.81
CA LYS A 635 -14.87 10.32 -40.13
C LYS A 635 -15.01 8.80 -40.04
N SER B 22 40.09 -12.92 -27.18
CA SER B 22 38.85 -12.95 -26.40
C SER B 22 38.51 -11.56 -25.85
N ILE B 23 37.23 -11.37 -25.54
CA ILE B 23 36.72 -10.13 -24.97
C ILE B 23 36.82 -10.19 -23.44
N PRO B 24 37.41 -9.15 -22.84
CA PRO B 24 37.71 -9.24 -21.40
C PRO B 24 36.48 -9.22 -20.50
N PHE B 25 36.33 -10.25 -19.66
CA PHE B 25 35.30 -10.26 -18.63
C PHE B 25 35.80 -11.00 -17.39
N THR B 26 35.08 -10.83 -16.28
CA THR B 26 35.43 -11.47 -15.05
C THR B 26 34.83 -12.87 -15.01
N ARG B 27 35.69 -13.87 -15.10
CA ARG B 27 35.29 -15.27 -15.04
C ARG B 27 34.79 -15.70 -13.66
N TRP B 28 34.02 -16.78 -13.62
CA TRP B 28 33.71 -17.38 -12.33
C TRP B 28 35.00 -18.08 -11.89
N PRO B 29 35.22 -18.18 -10.57
CA PRO B 29 36.38 -18.94 -10.08
C PRO B 29 36.27 -20.39 -10.47
N GLU B 30 37.40 -21.09 -10.62
CA GLU B 30 37.39 -22.43 -11.17
C GLU B 30 36.42 -23.42 -10.48
N GLU B 31 36.36 -23.39 -9.15
CA GLU B 31 35.46 -24.31 -8.44
C GLU B 31 33.96 -24.09 -8.77
N PHE B 32 33.56 -22.82 -8.89
CA PHE B 32 32.19 -22.50 -9.30
C PHE B 32 31.87 -22.91 -10.74
N ALA B 33 32.79 -22.63 -11.66
CA ALA B 33 32.58 -23.00 -13.07
C ALA B 33 32.37 -24.50 -13.21
N ARG B 34 33.23 -25.28 -12.53
CA ARG B 34 33.13 -26.73 -12.52
C ARG B 34 31.82 -27.20 -11.89
N ARG B 35 31.47 -26.59 -10.76
CA ARG B 35 30.22 -26.90 -10.04
C ARG B 35 29.02 -26.67 -10.95
N TYR B 36 28.97 -25.50 -11.59
CA TYR B 36 27.89 -25.11 -12.48
C TYR B 36 27.84 -26.01 -13.70
N ARG B 37 29.01 -26.43 -14.17
CA ARG B 37 29.07 -27.32 -15.32
C ARG B 37 28.63 -28.73 -14.94
N GLU B 38 29.11 -29.23 -13.80
CA GLU B 38 28.76 -30.57 -13.34
C GLU B 38 27.28 -30.68 -12.96
N LYS B 39 26.64 -29.57 -12.59
CA LYS B 39 25.20 -29.62 -12.24
C LYS B 39 24.30 -29.49 -13.46
N GLY B 40 24.86 -29.04 -14.56
CA GLY B 40 24.13 -28.95 -15.81
C GLY B 40 23.52 -27.58 -16.10
N TYR B 41 23.94 -26.56 -15.34
CA TYR B 41 23.47 -25.21 -15.62
C TYR B 41 24.15 -24.66 -16.87
N TRP B 42 25.46 -24.90 -16.97
CA TRP B 42 26.22 -24.53 -18.16
C TRP B 42 26.34 -25.75 -19.06
N GLN B 43 25.71 -25.66 -20.24
CA GLN B 43 25.66 -26.80 -21.17
C GLN B 43 26.67 -26.74 -22.31
N ASP B 44 27.39 -25.63 -22.40
CA ASP B 44 28.41 -25.45 -23.44
C ASP B 44 27.86 -25.41 -24.86
N LEU B 45 26.65 -24.86 -25.02
CA LEU B 45 26.10 -24.61 -26.34
C LEU B 45 26.00 -23.12 -26.56
N PRO B 46 26.25 -22.65 -27.79
CA PRO B 46 26.10 -21.21 -28.05
C PRO B 46 24.63 -20.79 -27.95
N LEU B 47 24.38 -19.50 -27.91
CA LEU B 47 23.02 -18.99 -27.86
C LEU B 47 22.30 -19.19 -29.21
N THR B 48 23.07 -19.31 -30.28
CA THR B 48 22.52 -19.59 -31.60
C THR B 48 21.69 -20.88 -31.61
N ASP B 49 22.00 -21.79 -30.70
CA ASP B 49 21.27 -23.06 -30.58
C ASP B 49 19.77 -22.88 -30.33
N ILE B 50 19.40 -21.79 -29.66
CA ILE B 50 17.98 -21.43 -29.43
C ILE B 50 17.17 -21.38 -30.74
N LEU B 51 17.80 -20.88 -31.79
CA LEU B 51 17.16 -20.74 -33.09
C LEU B 51 17.41 -21.93 -33.99
N THR B 52 18.68 -22.31 -34.17
CA THR B 52 19.03 -23.38 -35.12
C THR B 52 18.40 -24.73 -34.83
N ARG B 53 18.14 -25.03 -33.57
CA ARG B 53 17.36 -26.22 -33.26
C ARG B 53 16.00 -26.19 -33.99
N HIS B 54 15.51 -25.00 -34.36
CA HIS B 54 14.24 -24.85 -35.06
C HIS B 54 14.46 -24.43 -36.53
N ALA B 55 15.66 -24.65 -37.04
CA ALA B 55 16.04 -24.07 -38.32
C ALA B 55 15.27 -24.62 -39.52
N ALA B 56 14.47 -25.66 -39.29
CA ALA B 56 13.69 -26.29 -40.36
C ALA B 56 12.17 -26.18 -40.13
N SER B 57 11.77 -25.53 -39.05
CA SER B 57 10.37 -25.39 -38.68
C SER B 57 9.69 -24.28 -39.48
N ASP B 58 8.46 -24.53 -39.94
CA ASP B 58 7.69 -23.55 -40.70
C ASP B 58 6.70 -22.86 -39.80
N SER B 59 6.69 -23.23 -38.53
CA SER B 59 5.76 -22.61 -37.62
C SER B 59 6.26 -21.21 -37.33
N ILE B 60 5.36 -20.34 -36.93
CA ILE B 60 5.66 -18.93 -36.92
C ILE B 60 6.40 -18.54 -35.67
N ALA B 61 7.47 -17.78 -35.87
CA ALA B 61 8.33 -17.34 -34.79
C ALA B 61 8.13 -15.86 -34.50
N VAL B 62 7.95 -15.06 -35.54
CA VAL B 62 7.83 -13.63 -35.34
C VAL B 62 6.73 -13.01 -36.15
N ILE B 63 5.92 -12.24 -35.43
CA ILE B 63 4.84 -11.47 -36.02
C ILE B 63 5.05 -10.00 -35.64
N ASP B 64 5.18 -9.18 -36.67
CA ASP B 64 5.50 -7.78 -36.55
C ASP B 64 4.56 -7.06 -37.51
N GLY B 65 3.53 -6.41 -36.96
CA GLY B 65 2.50 -5.82 -37.79
C GLY B 65 1.97 -6.84 -38.78
N GLU B 66 2.03 -6.53 -40.06
CA GLU B 66 1.52 -7.43 -41.08
C GLU B 66 2.48 -8.58 -41.41
N ARG B 67 3.76 -8.42 -41.05
CA ARG B 67 4.77 -9.42 -41.40
C ARG B 67 4.85 -10.59 -40.43
N GLN B 68 5.08 -11.78 -40.95
CA GLN B 68 5.20 -12.95 -40.10
C GLN B 68 6.40 -13.73 -40.60
N LEU B 69 7.26 -14.19 -39.69
CA LEU B 69 8.40 -14.97 -40.12
C LEU B 69 8.34 -16.39 -39.61
N SER B 70 8.65 -17.34 -40.48
CA SER B 70 8.82 -18.71 -40.03
C SER B 70 10.01 -18.74 -39.07
N TYR B 71 10.19 -19.87 -38.39
CA TYR B 71 11.44 -20.11 -37.70
C TYR B 71 12.54 -20.26 -38.72
N ARG B 72 12.26 -21.03 -39.77
CA ARG B 72 13.20 -21.28 -40.86
C ARG B 72 13.52 -20.01 -41.63
N GLU B 73 12.54 -19.13 -41.77
CA GLU B 73 12.80 -17.82 -42.33
C GLU B 73 13.74 -17.04 -41.41
N LEU B 74 13.49 -17.12 -40.10
CA LEU B 74 14.19 -16.32 -39.11
C LEU B 74 15.65 -16.66 -39.12
N ASN B 75 15.93 -17.96 -39.17
CA ASN B 75 17.28 -18.50 -39.22
C ASN B 75 18.02 -18.15 -40.52
N GLN B 76 17.33 -18.31 -41.66
CA GLN B 76 17.88 -17.97 -42.95
C GLN B 76 18.29 -16.52 -42.95
N ALA B 77 17.39 -15.63 -42.50
CA ALA B 77 17.68 -14.20 -42.49
C ALA B 77 18.88 -13.84 -41.63
N ALA B 78 19.00 -14.47 -40.46
CA ALA B 78 20.15 -14.30 -39.58
C ALA B 78 21.42 -14.73 -40.32
N ASP B 79 21.39 -15.95 -40.87
CA ASP B 79 22.46 -16.47 -41.72
C ASP B 79 22.83 -15.44 -42.77
N ASN B 80 21.85 -15.03 -43.59
CA ASN B 80 22.02 -13.97 -44.59
C ASN B 80 22.72 -12.72 -44.09
N LEU B 81 22.19 -12.10 -43.04
CA LEU B 81 22.81 -10.89 -42.50
C LEU B 81 24.26 -11.13 -42.05
N ALA B 82 24.49 -12.21 -41.30
CA ALA B 82 25.84 -12.57 -40.84
C ALA B 82 26.79 -12.71 -42.01
N CYS B 83 26.31 -13.35 -43.07
CA CYS B 83 27.10 -13.53 -44.28
C CYS B 83 27.41 -12.20 -44.93
N SER B 84 26.39 -11.35 -45.09
CA SER B 84 26.58 -10.03 -45.68
C SER B 84 27.58 -9.23 -44.88
N LEU B 85 27.51 -9.32 -43.55
CA LEU B 85 28.43 -8.58 -42.70
C LEU B 85 29.85 -9.13 -42.83
N ARG B 86 29.96 -10.45 -42.95
CA ARG B 86 31.25 -11.06 -43.14
C ARG B 86 31.86 -10.65 -44.48
N ARG B 87 31.04 -10.52 -45.51
CA ARG B 87 31.52 -10.06 -46.82
C ARG B 87 32.01 -8.59 -46.79
N GLN B 88 31.49 -7.81 -45.85
CA GLN B 88 31.87 -6.41 -45.77
C GLN B 88 33.02 -6.24 -44.78
N GLY B 89 33.64 -7.35 -44.39
CA GLY B 89 34.84 -7.33 -43.57
C GLY B 89 34.66 -7.37 -42.06
N ILE B 90 33.43 -7.61 -41.59
CA ILE B 90 33.25 -7.83 -40.15
C ILE B 90 33.84 -9.18 -39.81
N LYS B 91 34.47 -9.25 -38.64
CA LYS B 91 35.18 -10.45 -38.21
C LYS B 91 34.77 -10.91 -36.80
N PRO B 92 35.04 -12.18 -36.47
CA PRO B 92 34.71 -12.62 -35.10
C PRO B 92 35.59 -11.93 -34.07
N GLY B 93 35.17 -11.93 -32.81
CA GLY B 93 35.89 -11.25 -31.74
C GLY B 93 35.58 -9.76 -31.67
N GLU B 94 35.01 -9.20 -32.73
CA GLU B 94 34.75 -7.76 -32.80
C GLU B 94 33.42 -7.39 -32.17
N THR B 95 33.14 -6.09 -32.11
CA THR B 95 31.98 -5.60 -31.35
C THR B 95 31.05 -4.73 -32.19
N ALA B 96 29.77 -4.69 -31.80
CA ALA B 96 28.75 -3.95 -32.53
C ALA B 96 27.86 -3.10 -31.61
N LEU B 97 27.44 -1.95 -32.10
CA LEU B 97 26.44 -1.14 -31.42
C LEU B 97 25.13 -1.22 -32.24
N VAL B 98 24.06 -1.68 -31.59
CA VAL B 98 22.76 -1.78 -32.25
C VAL B 98 21.69 -0.90 -31.58
N GLN B 99 20.98 -0.11 -32.39
CA GLN B 99 19.81 0.62 -31.89
C GLN B 99 18.60 0.31 -32.74
N LEU B 100 17.89 -0.73 -32.34
CA LEU B 100 16.67 -1.17 -33.00
C LEU B 100 15.65 -1.46 -31.92
N GLY B 101 14.45 -0.92 -32.09
CA GLY B 101 13.40 -1.08 -31.11
C GLY B 101 12.53 -2.27 -31.47
N ASN B 102 11.24 -2.18 -31.15
CA ASN B 102 10.42 -3.38 -31.18
C ASN B 102 10.08 -3.88 -32.60
N VAL B 103 11.11 -4.34 -33.33
CA VAL B 103 10.95 -4.74 -34.72
C VAL B 103 11.54 -6.12 -34.91
N ALA B 104 11.13 -6.78 -36.00
CA ALA B 104 11.60 -8.12 -36.33
C ALA B 104 13.12 -8.14 -36.49
N GLU B 105 13.64 -7.12 -37.14
CA GLU B 105 15.08 -7.01 -37.37
C GLU B 105 15.97 -7.08 -36.11
N LEU B 106 15.48 -6.61 -34.95
CA LEU B 106 16.22 -6.81 -33.69
C LEU B 106 16.63 -8.28 -33.55
N TYR B 107 15.71 -9.21 -33.75
CA TYR B 107 16.03 -10.62 -33.55
C TYR B 107 16.86 -11.22 -34.65
N ILE B 108 16.60 -10.78 -35.87
CA ILE B 108 17.43 -11.18 -37.00
C ILE B 108 18.88 -10.70 -36.77
N THR B 109 19.05 -9.42 -36.51
CA THR B 109 20.35 -8.86 -36.15
C THR B 109 21.04 -9.61 -35.00
N PHE B 110 20.30 -9.83 -33.92
CA PHE B 110 20.86 -10.45 -32.73
C PHE B 110 21.46 -11.83 -32.98
N PHE B 111 20.71 -12.70 -33.65
CA PHE B 111 21.22 -14.04 -33.94
C PHE B 111 22.31 -14.01 -35.02
N ALA B 112 22.20 -13.04 -35.94
CA ALA B 112 23.21 -12.86 -36.99
C ALA B 112 24.57 -12.55 -36.37
N LEU B 113 24.59 -11.60 -35.44
CA LEU B 113 25.82 -11.29 -34.68
C LEU B 113 26.33 -12.47 -33.85
N LEU B 114 25.44 -13.23 -33.24
CA LEU B 114 25.86 -14.41 -32.49
C LEU B 114 26.50 -15.42 -33.43
N LYS B 115 25.88 -15.62 -34.60
CA LYS B 115 26.35 -16.60 -35.57
C LYS B 115 27.74 -16.19 -36.01
N LEU B 116 27.89 -14.89 -36.22
CA LEU B 116 29.13 -14.32 -36.69
C LEU B 116 30.19 -14.30 -35.59
N GLY B 117 29.76 -14.45 -34.34
CA GLY B 117 30.69 -14.37 -33.22
C GLY B 117 31.04 -12.92 -32.90
N VAL B 118 30.13 -12.01 -33.26
CA VAL B 118 30.27 -10.61 -32.92
C VAL B 118 29.42 -10.28 -31.71
N ALA B 119 29.97 -9.47 -30.79
CA ALA B 119 29.30 -9.18 -29.52
C ALA B 119 28.66 -7.78 -29.51
N PRO B 120 27.33 -7.74 -29.49
CA PRO B 120 26.55 -6.51 -29.58
C PRO B 120 26.14 -5.90 -28.25
N VAL B 121 26.08 -4.58 -28.23
CA VAL B 121 25.31 -3.86 -27.25
C VAL B 121 24.00 -3.45 -27.90
N LEU B 122 22.89 -3.88 -27.32
CA LEU B 122 21.59 -3.48 -27.86
C LEU B 122 21.02 -2.25 -27.15
N ALA B 123 21.31 -1.07 -27.70
CA ALA B 123 20.88 0.18 -27.07
C ALA B 123 19.37 0.35 -27.14
N LEU B 124 18.84 1.10 -26.17
CA LEU B 124 17.42 1.41 -26.14
C LEU B 124 17.06 2.27 -27.31
N PHE B 125 15.89 2.05 -27.89
CA PHE B 125 15.46 2.94 -28.95
C PHE B 125 15.29 4.32 -28.36
N SER B 126 15.14 4.40 -27.04
CA SER B 126 15.02 5.72 -26.39
C SER B 126 16.35 6.46 -26.29
N HIS B 127 17.45 5.71 -26.37
CA HIS B 127 18.78 6.27 -26.19
C HIS B 127 19.14 7.35 -27.23
N GLN B 128 19.78 8.42 -26.77
CA GLN B 128 20.21 9.49 -27.68
C GLN B 128 21.73 9.57 -27.78
N ARG B 129 22.24 10.75 -28.10
CA ARG B 129 23.65 10.88 -28.45
C ARG B 129 24.63 10.54 -27.33
N SER B 130 24.33 10.94 -26.10
CA SER B 130 25.26 10.69 -24.99
C SER B 130 25.29 9.22 -24.56
N GLU B 131 24.18 8.53 -24.66
CA GLU B 131 24.18 7.08 -24.44
C GLU B 131 24.91 6.32 -25.54
N LEU B 132 24.62 6.67 -26.80
CA LEU B 132 25.27 6.01 -27.93
C LEU B 132 26.79 6.22 -27.91
N ASN B 133 27.25 7.45 -27.65
CA ASN B 133 28.68 7.74 -27.49
C ASN B 133 29.34 6.94 -26.36
N ALA B 134 28.60 6.77 -25.27
CA ALA B 134 29.15 6.13 -24.07
C ALA B 134 29.38 4.65 -24.30
N TYR B 135 28.44 4.01 -24.96
CA TYR B 135 28.56 2.60 -25.25
C TYR B 135 29.62 2.41 -26.29
N ALA B 136 29.56 3.21 -27.35
CA ALA B 136 30.55 3.12 -28.41
C ALA B 136 31.97 3.29 -27.88
N SER B 137 32.21 4.30 -27.04
CA SER B 137 33.54 4.54 -26.47
C SER B 137 34.10 3.31 -25.75
N GLN B 138 33.22 2.56 -25.11
CA GLN B 138 33.64 1.43 -24.28
C GLN B 138 33.91 0.15 -25.06
N ILE B 139 33.07 -0.15 -26.03
CA ILE B 139 33.21 -1.43 -26.74
C ILE B 139 34.14 -1.37 -27.96
N GLU B 140 34.49 -0.15 -28.37
CA GLU B 140 35.21 0.10 -29.62
C GLU B 140 34.59 -0.68 -30.81
N PRO B 141 33.36 -0.32 -31.24
CA PRO B 141 32.57 -1.14 -32.17
C PRO B 141 33.02 -1.03 -33.63
N ALA B 142 33.06 -2.16 -34.31
CA ALA B 142 33.41 -2.16 -35.75
C ALA B 142 32.16 -1.97 -36.59
N LEU B 143 31.01 -2.25 -35.98
CA LEU B 143 29.72 -2.32 -36.68
C LEU B 143 28.63 -1.51 -36.01
N LEU B 144 27.94 -0.68 -36.78
CA LEU B 144 26.86 0.10 -36.23
C LEU B 144 25.60 -0.17 -37.01
N ILE B 145 24.55 -0.59 -36.32
CA ILE B 145 23.26 -0.76 -36.96
C ILE B 145 22.21 0.06 -36.23
N ALA B 146 21.57 0.97 -36.95
CA ALA B 146 20.55 1.82 -36.37
C ALA B 146 19.37 1.95 -37.34
N ASP B 147 18.51 2.92 -37.08
CA ASP B 147 17.21 2.97 -37.74
C ASP B 147 16.90 4.39 -38.16
N ARG B 148 16.72 4.61 -39.46
CA ARG B 148 16.38 5.95 -39.97
C ARG B 148 15.07 6.54 -39.41
N GLN B 149 14.29 5.73 -38.70
CA GLN B 149 13.09 6.20 -38.02
C GLN B 149 13.45 6.79 -36.66
N HIS B 150 14.69 6.58 -36.23
CA HIS B 150 15.18 7.23 -35.04
C HIS B 150 15.58 8.64 -35.45
N ALA B 151 15.21 9.64 -34.64
CA ALA B 151 15.44 11.04 -35.01
C ALA B 151 16.92 11.43 -35.21
N LEU B 152 17.83 10.71 -34.58
CA LEU B 152 19.26 10.95 -34.79
C LEU B 152 19.68 10.46 -36.18
N PHE B 153 18.92 9.55 -36.75
CA PHE B 153 19.33 8.89 -37.98
C PHE B 153 18.42 9.19 -39.16
N SER B 154 17.50 10.12 -38.97
CA SER B 154 16.66 10.61 -40.05
C SER B 154 17.55 11.09 -41.20
N GLY B 155 18.39 12.09 -40.93
CA GLY B 155 19.31 12.60 -41.93
C GLY B 155 20.63 11.88 -41.85
N ASP B 156 21.72 12.58 -42.17
CA ASP B 156 23.05 11.97 -42.19
C ASP B 156 24.08 12.72 -41.37
N ASP B 157 23.69 13.84 -40.75
CA ASP B 157 24.66 14.68 -40.03
C ASP B 157 25.20 14.06 -38.73
N PHE B 158 24.34 13.50 -37.89
CA PHE B 158 24.81 12.81 -36.69
C PHE B 158 25.64 11.58 -37.06
N LEU B 159 25.15 10.77 -37.99
CA LEU B 159 25.86 9.55 -38.41
C LEU B 159 27.26 9.86 -38.88
N ASN B 160 27.42 10.97 -39.60
CA ASN B 160 28.72 11.42 -40.08
C ASN B 160 29.70 11.78 -38.95
N THR B 161 29.23 12.56 -37.99
CA THR B 161 30.01 12.87 -36.79
C THR B 161 30.35 11.62 -35.98
N PHE B 162 29.36 10.75 -35.79
CA PHE B 162 29.49 9.59 -34.91
C PHE B 162 30.55 8.63 -35.44
N VAL B 163 30.49 8.31 -36.72
CA VAL B 163 31.48 7.46 -37.36
C VAL B 163 32.87 8.11 -37.34
N THR B 164 32.92 9.40 -37.63
CA THR B 164 34.16 10.15 -37.51
C THR B 164 34.72 10.08 -36.09
N GLU B 165 33.85 10.20 -35.09
CA GLU B 165 34.29 10.19 -33.70
C GLU B 165 34.48 8.78 -33.10
N HIS B 166 34.20 7.75 -33.90
CA HIS B 166 34.33 6.36 -33.47
C HIS B 166 34.95 5.58 -34.61
N SER B 167 36.21 5.89 -34.88
CA SER B 167 36.88 5.46 -36.10
C SER B 167 37.00 3.95 -36.23
N SER B 168 36.72 3.24 -35.15
CA SER B 168 36.68 1.77 -35.20
C SER B 168 35.53 1.28 -36.11
N ILE B 169 34.49 2.09 -36.19
CA ILE B 169 33.33 1.74 -37.00
C ILE B 169 33.63 1.69 -38.50
N ARG B 170 33.51 0.49 -39.09
CA ARG B 170 33.85 0.25 -40.49
C ARG B 170 32.63 -0.05 -41.35
N VAL B 171 31.52 -0.44 -40.72
CA VAL B 171 30.29 -0.79 -41.43
C VAL B 171 29.06 -0.24 -40.74
N VAL B 172 28.14 0.32 -41.52
CA VAL B 172 26.89 0.86 -41.00
C VAL B 172 25.70 0.33 -41.78
N GLN B 173 24.77 -0.30 -41.08
CA GLN B 173 23.56 -0.80 -41.74
C GLN B 173 22.34 -0.13 -41.12
N LEU B 174 21.48 0.45 -41.94
CA LEU B 174 20.32 1.18 -41.43
C LEU B 174 18.99 0.56 -41.87
N LEU B 175 18.11 0.37 -40.91
CA LEU B 175 16.73 0.02 -41.17
C LEU B 175 16.03 1.24 -41.79
N ASN B 176 14.95 1.00 -42.56
CA ASN B 176 14.20 2.10 -43.19
C ASN B 176 15.07 3.02 -44.03
N ASP B 177 16.12 2.45 -44.60
CA ASP B 177 16.96 3.19 -45.52
C ASP B 177 16.89 2.54 -46.91
N SER B 178 16.96 3.37 -47.95
CA SER B 178 16.88 2.86 -49.31
C SER B 178 18.15 3.17 -50.11
N GLY B 179 19.27 3.26 -49.41
CA GLY B 179 20.55 3.59 -50.05
C GLY B 179 21.57 2.47 -49.93
N GLU B 180 22.85 2.82 -50.03
CA GLU B 180 23.91 1.83 -49.94
C GLU B 180 23.94 1.11 -48.58
N HIS B 181 23.40 1.75 -47.55
CA HIS B 181 23.46 1.20 -46.20
C HIS B 181 22.20 0.42 -45.81
N ASN B 182 21.37 0.11 -46.81
CA ASN B 182 20.07 -0.50 -46.59
C ASN B 182 20.16 -1.87 -45.91
N LEU B 183 19.75 -1.94 -44.65
CA LEU B 183 19.80 -3.21 -43.90
C LEU B 183 19.01 -4.35 -44.55
N GLN B 184 17.89 -4.01 -45.20
CA GLN B 184 17.07 -5.01 -45.92
C GLN B 184 17.83 -5.72 -47.02
N ASP B 185 18.75 -5.01 -47.66
CA ASP B 185 19.57 -5.61 -48.70
C ASP B 185 20.38 -6.77 -48.12
N ALA B 186 21.13 -6.48 -47.07
CA ALA B 186 21.98 -7.46 -46.39
C ALA B 186 21.18 -8.69 -45.96
N ILE B 187 20.01 -8.43 -45.35
CA ILE B 187 19.10 -9.44 -44.84
C ILE B 187 18.48 -10.31 -45.95
N ASN B 188 18.16 -9.69 -47.08
CA ASN B 188 17.61 -10.40 -48.24
C ASN B 188 18.65 -11.14 -49.09
N HIS B 189 19.92 -10.75 -49.00
CA HIS B 189 20.94 -11.40 -49.84
C HIS B 189 21.27 -12.77 -49.32
N PRO B 190 20.97 -13.81 -50.12
CA PRO B 190 21.10 -15.21 -49.66
C PRO B 190 22.52 -15.58 -49.32
N ALA B 191 22.72 -16.15 -48.13
CA ALA B 191 24.02 -16.64 -47.70
C ALA B 191 24.65 -17.47 -48.78
N GLU B 192 25.98 -17.46 -48.82
CA GLU B 192 26.77 -18.26 -49.75
C GLU B 192 27.91 -18.87 -48.94
N ASP B 193 28.05 -20.19 -49.03
CA ASP B 193 28.93 -20.99 -48.18
C ASP B 193 29.27 -20.35 -46.84
N PHE B 194 28.28 -20.32 -45.97
CA PHE B 194 28.46 -19.68 -44.68
C PHE B 194 28.51 -20.70 -43.54
N THR B 195 29.54 -20.62 -42.72
CA THR B 195 29.53 -21.38 -41.48
C THR B 195 29.53 -20.43 -40.30
N ALA B 196 28.54 -20.59 -39.44
CA ALA B 196 28.47 -19.87 -38.17
C ALA B 196 29.76 -20.05 -37.38
N THR B 197 30.26 -18.97 -36.79
CA THR B 197 31.40 -19.04 -35.88
C THR B 197 31.11 -18.34 -34.56
N PRO B 198 30.18 -18.89 -33.78
CA PRO B 198 29.89 -18.26 -32.49
C PRO B 198 31.13 -18.25 -31.60
N SER B 199 31.21 -17.31 -30.69
CA SER B 199 32.29 -17.28 -29.73
C SER B 199 32.08 -18.48 -28.81
N PRO B 200 33.16 -19.02 -28.23
CA PRO B 200 33.06 -20.16 -27.30
C PRO B 200 31.99 -19.92 -26.24
N ALA B 201 31.35 -20.98 -25.81
CA ALA B 201 30.16 -20.91 -24.95
C ALA B 201 30.46 -20.32 -23.59
N ASP B 202 31.71 -20.44 -23.16
CA ASP B 202 32.15 -19.88 -21.88
C ASP B 202 32.75 -18.49 -22.04
N GLU B 203 32.48 -17.85 -23.17
CA GLU B 203 32.96 -16.49 -23.41
C GLU B 203 31.83 -15.53 -23.63
N VAL B 204 32.15 -14.24 -23.70
CA VAL B 204 31.14 -13.22 -23.93
C VAL B 204 30.34 -13.46 -25.22
N ALA B 205 29.03 -13.41 -25.08
CA ALA B 205 28.14 -13.46 -26.23
C ALA B 205 27.71 -12.04 -26.60
N TYR B 206 27.24 -11.29 -25.61
CA TYR B 206 26.90 -9.89 -25.80
C TYR B 206 26.96 -9.09 -24.50
N PHE B 207 26.75 -7.78 -24.61
CA PHE B 207 26.80 -6.87 -23.47
C PHE B 207 25.40 -6.40 -23.10
N GLN B 208 25.03 -6.59 -21.84
CA GLN B 208 23.73 -6.11 -21.38
C GLN B 208 23.92 -4.78 -20.70
N LEU B 209 22.84 -4.03 -20.53
CA LEU B 209 22.93 -2.70 -19.96
C LEU B 209 22.67 -2.70 -18.46
N SER B 210 23.34 -1.81 -17.72
CA SER B 210 23.08 -1.67 -16.30
C SER B 210 22.16 -0.51 -15.89
N GLY B 211 21.35 -0.77 -14.87
CA GLY B 211 20.50 0.26 -14.29
C GLY B 211 21.27 1.10 -13.29
N THR B 214 25.41 4.94 -11.01
CA THR B 214 26.60 5.78 -11.18
C THR B 214 26.52 6.62 -12.46
N GLY B 215 27.33 7.65 -12.57
CA GLY B 215 27.24 8.61 -13.66
C GLY B 215 27.82 8.17 -15.00
N THR B 216 28.35 6.96 -15.03
CA THR B 216 28.86 6.35 -16.25
C THR B 216 28.12 5.05 -16.52
N PRO B 217 27.55 4.94 -17.73
CA PRO B 217 26.91 3.69 -18.16
C PRO B 217 27.85 2.50 -18.01
N LYS B 218 27.38 1.49 -17.27
CA LYS B 218 28.15 0.27 -17.03
C LYS B 218 27.56 -0.92 -17.79
N LEU B 219 28.41 -1.62 -18.52
CA LEU B 219 28.01 -2.78 -19.32
C LEU B 219 28.22 -4.12 -18.60
N ILE B 220 27.32 -5.06 -18.84
CA ILE B 220 27.37 -6.38 -18.21
C ILE B 220 27.69 -7.45 -19.26
N PRO B 221 28.92 -7.97 -19.27
CA PRO B 221 29.23 -9.04 -20.23
C PRO B 221 28.47 -10.31 -19.87
N ARG B 222 27.70 -10.86 -20.81
CA ARG B 222 27.06 -12.14 -20.61
C ARG B 222 27.73 -13.21 -21.46
N THR B 223 27.91 -14.40 -20.89
CA THR B 223 28.49 -15.49 -21.66
C THR B 223 27.35 -16.34 -22.16
N HIS B 224 27.58 -17.09 -23.23
CA HIS B 224 26.58 -18.05 -23.73
C HIS B 224 26.05 -18.92 -22.58
N ASN B 225 26.94 -19.59 -21.84
CA ASN B 225 26.53 -20.46 -20.74
C ASN B 225 25.62 -19.85 -19.67
N ASP B 226 26.04 -18.74 -19.07
CA ASP B 226 25.22 -18.11 -18.04
C ASP B 226 23.91 -17.60 -18.62
N TYR B 227 23.96 -17.04 -19.82
CA TYR B 227 22.74 -16.42 -20.35
C TYR B 227 21.77 -17.46 -20.89
N TYR B 228 22.28 -18.46 -21.60
CA TYR B 228 21.45 -19.55 -22.11
C TYR B 228 20.79 -20.27 -20.93
N TYR B 229 21.53 -20.47 -19.85
CA TYR B 229 20.89 -21.02 -18.66
C TYR B 229 19.74 -20.14 -18.14
N SER B 230 19.94 -18.83 -18.07
CA SER B 230 18.90 -17.97 -17.52
C SER B 230 17.59 -18.06 -18.31
N VAL B 231 17.72 -18.37 -19.60
CA VAL B 231 16.57 -18.48 -20.50
C VAL B 231 15.91 -19.85 -20.40
N ARG B 232 16.74 -20.89 -20.38
CA ARG B 232 16.26 -22.28 -20.29
C ARG B 232 15.40 -22.40 -19.07
N ARG B 233 16.00 -22.06 -17.93
CA ARG B 233 15.34 -22.22 -16.66
C ARG B 233 14.05 -21.36 -16.58
N SER B 234 14.05 -20.18 -17.20
CA SER B 234 12.84 -19.37 -17.30
C SER B 234 11.73 -20.01 -18.13
N VAL B 235 12.08 -20.57 -19.28
CA VAL B 235 11.14 -21.37 -20.05
C VAL B 235 10.52 -22.49 -19.20
N GLU B 236 11.34 -23.23 -18.48
CA GLU B 236 10.86 -24.26 -17.58
C GLU B 236 9.83 -23.75 -16.55
N ILE B 237 10.22 -22.73 -15.80
CA ILE B 237 9.37 -22.13 -14.77
C ILE B 237 8.07 -21.55 -15.31
N CYS B 238 8.11 -20.94 -16.47
CA CYS B 238 6.90 -20.34 -17.02
C CYS B 238 6.14 -21.28 -17.94
N GLN B 239 6.69 -22.47 -18.14
CA GLN B 239 6.17 -23.46 -19.09
C GLN B 239 5.80 -22.89 -20.47
N PHE B 240 6.77 -22.24 -21.11
CA PHE B 240 6.64 -21.83 -22.50
C PHE B 240 6.77 -23.08 -23.36
N THR B 241 6.07 -23.13 -24.48
CA THR B 241 6.06 -24.31 -25.33
C THR B 241 5.92 -23.80 -26.74
N GLN B 242 5.76 -24.70 -27.70
CA GLN B 242 5.46 -24.28 -29.07
C GLN B 242 4.18 -23.45 -29.07
N GLN B 243 3.26 -23.79 -28.15
CA GLN B 243 1.93 -23.17 -28.07
C GLN B 243 1.89 -21.75 -27.48
N THR B 244 2.95 -21.33 -26.81
CA THR B 244 3.02 -20.00 -26.27
C THR B 244 2.90 -18.94 -27.39
N ARG B 245 2.05 -17.94 -27.18
CA ARG B 245 1.99 -16.77 -28.05
C ARG B 245 2.19 -15.54 -27.15
N TYR B 246 3.38 -14.94 -27.23
CA TYR B 246 3.83 -13.97 -26.24
C TYR B 246 3.90 -12.55 -26.78
N LEU B 247 3.17 -11.62 -26.17
CA LEU B 247 3.18 -10.25 -26.66
C LEU B 247 4.39 -9.47 -26.12
N CYS B 248 5.22 -8.95 -27.03
CA CYS B 248 6.36 -8.10 -26.63
C CYS B 248 6.10 -6.64 -26.94
N ALA B 249 5.62 -5.90 -25.95
CA ALA B 249 5.26 -4.51 -26.14
C ALA B 249 6.05 -3.51 -25.27
N ILE B 250 6.84 -4.03 -24.32
CA ILE B 250 7.79 -3.20 -23.59
C ILE B 250 9.09 -3.21 -24.41
N PRO B 251 10.16 -2.55 -23.97
CA PRO B 251 11.29 -2.57 -24.90
C PRO B 251 11.98 -3.91 -25.09
N ALA B 252 11.90 -4.40 -26.33
CA ALA B 252 12.39 -5.73 -26.70
C ALA B 252 13.85 -5.99 -26.35
N ALA B 253 14.66 -4.95 -26.31
CA ALA B 253 16.07 -5.12 -26.00
C ALA B 253 16.41 -5.22 -24.50
N HIS B 254 15.43 -4.98 -23.63
CA HIS B 254 15.65 -5.08 -22.17
C HIS B 254 15.63 -6.53 -21.68
N ASN B 255 16.43 -6.80 -20.67
CA ASN B 255 16.63 -8.15 -20.21
C ASN B 255 15.31 -8.84 -19.89
N TYR B 256 14.40 -8.10 -19.27
CA TYR B 256 13.05 -8.55 -18.97
C TYR B 256 12.37 -9.10 -20.22
N ALA B 257 12.24 -8.27 -21.25
CA ALA B 257 11.59 -8.69 -22.50
C ALA B 257 12.42 -9.66 -23.34
N MET B 258 13.73 -9.60 -23.19
CA MET B 258 14.61 -10.46 -24.00
C MET B 258 14.75 -11.89 -23.47
N SER B 259 14.71 -12.06 -22.15
CA SER B 259 15.13 -13.32 -21.52
C SER B 259 14.41 -13.84 -20.27
N SER B 260 13.41 -13.15 -19.75
CA SER B 260 12.79 -13.64 -18.51
C SER B 260 11.32 -14.08 -18.60
N PRO B 261 11.01 -15.13 -19.38
CA PRO B 261 11.84 -15.86 -20.32
C PRO B 261 11.94 -15.04 -21.59
N GLY B 262 10.99 -14.11 -21.74
CA GLY B 262 10.95 -13.18 -22.85
C GLY B 262 11.04 -13.85 -24.20
N SER B 263 11.23 -13.04 -25.23
CA SER B 263 11.29 -13.52 -26.60
C SER B 263 12.33 -14.62 -26.86
N LEU B 264 13.45 -14.60 -26.15
CA LEU B 264 14.41 -15.67 -26.29
C LEU B 264 13.83 -16.96 -25.75
N GLY B 265 13.06 -16.86 -24.67
CA GLY B 265 12.35 -18.01 -24.16
C GLY B 265 11.36 -18.60 -25.16
N VAL B 266 10.59 -17.72 -25.80
CA VAL B 266 9.57 -18.09 -26.76
C VAL B 266 10.21 -18.83 -27.93
N PHE B 267 11.28 -18.26 -28.48
CA PHE B 267 12.07 -18.90 -29.53
C PHE B 267 12.61 -20.27 -29.11
N LEU B 268 13.18 -20.37 -27.93
CA LEU B 268 13.69 -21.66 -27.47
C LEU B 268 12.55 -22.69 -27.43
N ALA B 269 11.34 -22.26 -27.06
CA ALA B 269 10.21 -23.18 -26.93
C ALA B 269 9.52 -23.43 -28.26
N GLY B 270 9.83 -22.62 -29.26
CA GLY B 270 9.23 -22.79 -30.58
C GLY B 270 7.88 -22.11 -30.73
N GLY B 271 7.63 -21.13 -29.86
CA GLY B 271 6.40 -20.37 -29.86
C GLY B 271 6.44 -19.16 -30.79
N THR B 272 5.49 -18.27 -30.61
CA THR B 272 5.36 -17.14 -31.48
C THR B 272 5.49 -15.82 -30.71
N VAL B 273 6.37 -14.94 -31.16
CA VAL B 273 6.48 -13.62 -30.55
C VAL B 273 5.71 -12.57 -31.36
N VAL B 274 4.84 -11.86 -30.65
CA VAL B 274 4.06 -10.80 -31.26
C VAL B 274 4.61 -9.46 -30.79
N LEU B 275 5.05 -8.66 -31.75
CA LEU B 275 5.72 -7.40 -31.45
C LEU B 275 4.76 -6.22 -31.45
N ALA B 276 4.94 -5.32 -30.48
CA ALA B 276 4.19 -4.07 -30.41
C ALA B 276 5.12 -2.91 -30.08
N ALA B 277 4.83 -1.77 -30.68
CA ALA B 277 5.64 -0.58 -30.55
C ALA B 277 5.70 -0.09 -29.10
N ASP B 278 4.58 -0.17 -28.41
CA ASP B 278 4.47 0.30 -27.03
C ASP B 278 3.36 -0.48 -26.35
N PRO B 279 3.31 -0.46 -25.01
CA PRO B 279 2.29 -1.20 -24.24
C PRO B 279 1.02 -0.42 -23.95
N SER B 280 0.60 0.47 -24.84
CA SER B 280 -0.71 1.09 -24.65
C SER B 280 -1.79 0.00 -24.82
N ALA B 281 -2.91 0.20 -24.17
CA ALA B 281 -4.03 -0.74 -24.27
C ALA B 281 -4.58 -0.68 -25.68
N THR B 282 -4.67 0.54 -26.19
CA THR B 282 -5.11 0.84 -27.55
C THR B 282 -4.41 -0.02 -28.59
N LEU B 283 -3.09 -0.10 -28.49
CA LEU B 283 -2.32 -0.86 -29.45
C LEU B 283 -2.43 -2.35 -29.15
N CYS B 284 -2.31 -2.71 -27.87
CA CYS B 284 -2.11 -4.09 -27.45
C CYS B 284 -3.36 -4.93 -27.36
N PHE B 285 -4.45 -4.33 -26.91
CA PHE B 285 -5.71 -5.09 -26.76
C PHE B 285 -6.14 -5.84 -28.03
N PRO B 286 -6.17 -5.14 -29.18
CA PRO B 286 -6.57 -5.86 -30.39
C PRO B 286 -5.52 -6.85 -30.87
N LEU B 287 -4.25 -6.59 -30.60
CA LEU B 287 -3.20 -7.53 -30.96
C LEU B 287 -3.36 -8.84 -30.18
N ILE B 288 -3.69 -8.72 -28.90
CA ILE B 288 -3.92 -9.89 -28.07
C ILE B 288 -5.11 -10.70 -28.56
N GLU B 289 -6.13 -10.02 -29.09
CA GLU B 289 -7.27 -10.74 -29.65
C GLU B 289 -6.96 -11.30 -31.03
N LYS B 290 -6.35 -10.48 -31.87
CA LYS B 290 -6.02 -10.87 -33.23
C LYS B 290 -5.13 -12.10 -33.28
N HIS B 291 -4.14 -12.15 -32.39
CA HIS B 291 -3.15 -13.22 -32.41
C HIS B 291 -3.27 -14.20 -31.26
N GLN B 292 -4.27 -13.97 -30.40
CA GLN B 292 -4.49 -14.82 -29.24
C GLN B 292 -3.22 -14.96 -28.42
N VAL B 293 -2.66 -13.82 -28.03
CA VAL B 293 -1.62 -13.79 -27.02
C VAL B 293 -2.13 -14.52 -25.76
N ASN B 294 -1.29 -15.39 -25.22
CA ASN B 294 -1.57 -16.01 -23.92
C ASN B 294 -0.61 -15.57 -22.81
N VAL B 295 0.51 -14.97 -23.17
CA VAL B 295 1.45 -14.47 -22.17
C VAL B 295 2.00 -13.11 -22.58
N THR B 296 2.00 -12.16 -21.66
CA THR B 296 2.70 -10.90 -21.90
C THR B 296 3.50 -10.47 -20.67
N ALA B 297 4.42 -9.52 -20.87
CA ALA B 297 5.21 -8.96 -19.77
C ALA B 297 5.03 -7.47 -19.67
N LEU B 298 4.58 -6.99 -18.51
CA LEU B 298 4.30 -5.56 -18.32
C LEU B 298 5.04 -4.98 -17.16
N VAL B 299 5.06 -3.65 -17.12
CA VAL B 299 5.58 -2.88 -16.00
C VAL B 299 4.37 -2.24 -15.38
N PRO B 300 4.40 -1.97 -14.07
CA PRO B 300 3.17 -1.55 -13.36
C PRO B 300 2.39 -0.36 -13.95
N PRO B 301 3.09 0.67 -14.43
CA PRO B 301 2.28 1.75 -15.01
C PRO B 301 1.42 1.25 -16.15
N ALA B 302 1.97 0.35 -16.97
CA ALA B 302 1.24 -0.22 -18.10
C ALA B 302 0.06 -1.06 -17.60
N VAL B 303 0.24 -1.67 -16.43
CA VAL B 303 -0.81 -2.42 -15.81
C VAL B 303 -1.90 -1.45 -15.34
N SER B 304 -1.49 -0.37 -14.68
CA SER B 304 -2.43 0.68 -14.31
C SER B 304 -3.26 1.15 -15.50
N LEU B 305 -2.58 1.22 -16.64
CA LEU B 305 -3.15 1.72 -17.87
C LEU B 305 -4.21 0.76 -18.41
N TRP B 306 -3.87 -0.51 -18.46
CA TRP B 306 -4.78 -1.53 -18.97
C TRP B 306 -6.02 -1.69 -18.10
N LEU B 307 -5.87 -1.55 -16.79
CA LEU B 307 -7.00 -1.62 -15.87
C LEU B 307 -7.97 -0.46 -16.04
N GLN B 308 -7.43 0.75 -16.18
CA GLN B 308 -8.27 1.92 -16.42
C GLN B 308 -9.03 1.79 -17.75
N ALA B 309 -8.35 1.35 -18.80
CA ALA B 309 -9.01 1.20 -20.10
C ALA B 309 -10.25 0.29 -20.07
N LEU B 310 -10.21 -0.77 -19.26
CA LEU B 310 -11.29 -1.74 -19.17
C LEU B 310 -12.46 -1.18 -18.37
N ILE B 311 -12.13 -0.66 -17.19
CA ILE B 311 -13.10 0.03 -16.35
C ILE B 311 -13.79 1.17 -17.11
N GLU B 312 -13.11 1.76 -18.09
CA GLU B 312 -13.65 2.87 -18.86
C GLU B 312 -14.35 2.43 -20.15
N GLY B 313 -14.51 1.12 -20.31
CA GLY B 313 -15.30 0.62 -21.41
C GLY B 313 -14.72 -0.49 -22.26
N GLU B 314 -13.40 -0.61 -22.31
CA GLU B 314 -12.80 -1.64 -23.16
C GLU B 314 -13.25 -3.04 -22.72
N SER B 315 -13.46 -3.91 -23.69
CA SER B 315 -13.95 -5.23 -23.38
C SER B 315 -12.84 -6.19 -22.96
N ARG B 316 -13.07 -6.88 -21.86
CA ARG B 316 -12.17 -7.93 -21.41
C ARG B 316 -12.14 -9.09 -22.40
N ALA B 317 -13.25 -9.35 -23.08
CA ALA B 317 -13.36 -10.40 -24.09
C ALA B 317 -12.19 -10.43 -25.09
N GLN B 318 -11.62 -9.27 -25.39
CA GLN B 318 -10.43 -9.14 -26.22
C GLN B 318 -9.23 -9.81 -25.59
N LEU B 319 -9.25 -9.95 -24.26
CA LEU B 319 -8.10 -10.45 -23.54
C LEU B 319 -8.33 -11.86 -23.01
N ALA B 320 -9.39 -12.50 -23.50
CA ALA B 320 -9.83 -13.81 -23.01
C ALA B 320 -8.77 -14.89 -23.18
N SER B 321 -8.06 -14.82 -24.31
CA SER B 321 -6.99 -15.77 -24.60
C SER B 321 -5.82 -15.62 -23.63
N LEU B 322 -5.75 -14.49 -22.92
CA LEU B 322 -4.60 -14.22 -22.06
C LEU B 322 -4.55 -15.16 -20.85
N LYS B 323 -3.43 -15.89 -20.70
CA LYS B 323 -3.24 -16.86 -19.60
C LYS B 323 -2.28 -16.39 -18.51
N LEU B 324 -1.29 -15.58 -18.88
CA LEU B 324 -0.29 -15.16 -17.90
C LEU B 324 0.19 -13.73 -18.10
N LEU B 325 -0.02 -12.89 -17.11
CA LEU B 325 0.58 -11.56 -17.12
C LEU B 325 1.77 -11.50 -16.19
N GLN B 326 2.95 -11.27 -16.77
CA GLN B 326 4.13 -10.97 -15.99
C GLN B 326 4.18 -9.51 -15.65
N VAL B 327 4.38 -9.21 -14.37
CA VAL B 327 4.66 -7.85 -13.93
C VAL B 327 6.00 -7.78 -13.21
N GLY B 328 6.87 -6.86 -13.65
CA GLY B 328 8.17 -6.68 -13.06
C GLY B 328 8.82 -5.35 -13.38
N GLY B 329 10.08 -5.18 -12.96
CA GLY B 329 10.82 -3.97 -13.23
C GLY B 329 10.72 -2.95 -12.11
N ALA B 330 9.67 -3.07 -11.32
CA ALA B 330 9.33 -2.05 -10.36
C ALA B 330 8.38 -2.65 -9.36
N ARG B 331 8.22 -1.96 -8.23
CA ARG B 331 7.47 -2.51 -7.12
C ARG B 331 5.96 -2.43 -7.35
N LEU B 332 5.33 -3.59 -7.52
CA LEU B 332 3.89 -3.62 -7.70
C LEU B 332 3.18 -3.65 -6.33
N SER B 333 2.19 -2.80 -6.15
CA SER B 333 1.47 -2.74 -4.87
C SER B 333 0.65 -3.99 -4.76
N ALA B 334 0.39 -4.44 -3.54
CA ALA B 334 -0.49 -5.58 -3.36
C ALA B 334 -1.89 -5.32 -3.97
N THR B 335 -2.36 -4.09 -3.82
CA THR B 335 -3.65 -3.65 -4.32
C THR B 335 -3.83 -3.71 -5.83
N LEU B 336 -2.74 -3.44 -6.55
CA LEU B 336 -2.76 -3.44 -8.00
C LEU B 336 -2.52 -4.87 -8.44
N ALA B 337 -1.62 -5.54 -7.71
CA ALA B 337 -1.29 -6.93 -7.94
C ALA B 337 -2.54 -7.76 -7.87
N ALA B 338 -3.50 -7.31 -7.08
CA ALA B 338 -4.65 -8.10 -6.73
C ALA B 338 -5.80 -7.93 -7.70
N ARG B 339 -5.80 -6.83 -8.43
CA ARG B 339 -6.88 -6.54 -9.38
C ARG B 339 -6.74 -7.34 -10.66
N ILE B 340 -5.56 -7.91 -10.90
CA ILE B 340 -5.29 -8.55 -12.19
C ILE B 340 -6.12 -9.80 -12.51
N PRO B 341 -6.10 -10.82 -11.64
CA PRO B 341 -6.97 -11.95 -12.01
C PRO B 341 -8.41 -11.49 -11.98
N ALA B 342 -8.73 -10.70 -10.96
CA ALA B 342 -10.05 -10.13 -10.77
C ALA B 342 -10.57 -9.32 -11.95
N GLU B 343 -9.70 -8.55 -12.59
CA GLU B 343 -10.16 -7.58 -13.59
C GLU B 343 -9.72 -7.90 -15.01
N ILE B 344 -8.50 -8.42 -15.16
CA ILE B 344 -7.98 -8.78 -16.47
C ILE B 344 -8.40 -10.19 -16.85
N GLY B 345 -8.37 -11.10 -15.87
CA GLY B 345 -8.93 -12.42 -16.07
C GLY B 345 -7.89 -13.49 -16.31
N CYS B 346 -6.73 -13.30 -15.70
CA CYS B 346 -5.66 -14.26 -15.87
C CYS B 346 -4.68 -14.20 -14.70
N GLN B 347 -3.83 -15.19 -14.64
CA GLN B 347 -2.84 -15.30 -13.59
C GLN B 347 -1.82 -14.16 -13.62
N LEU B 348 -1.42 -13.70 -12.45
CA LEU B 348 -0.27 -12.83 -12.33
C LEU B 348 1.00 -13.66 -12.04
N GLN B 349 2.15 -13.24 -12.58
CA GLN B 349 3.44 -13.67 -12.07
C GLN B 349 4.32 -12.46 -11.76
N GLN B 350 4.73 -12.30 -10.52
CA GLN B 350 5.71 -11.25 -10.24
C GLN B 350 7.11 -11.73 -10.58
N VAL B 351 7.84 -10.86 -11.23
CA VAL B 351 9.17 -11.17 -11.70
C VAL B 351 10.03 -10.04 -11.23
N PHE B 352 10.88 -10.32 -10.26
CA PHE B 352 11.88 -9.38 -9.78
C PHE B 352 13.19 -9.84 -10.38
N GLY B 353 13.80 -9.00 -11.21
CA GLY B 353 15.00 -9.40 -11.91
C GLY B 353 15.96 -8.24 -12.06
N MET B 354 17.19 -8.55 -12.46
CA MET B 354 18.20 -7.54 -12.69
C MET B 354 19.16 -8.00 -13.77
N ALA B 355 19.67 -7.04 -14.55
CA ALA B 355 20.53 -7.38 -15.68
C ALA B 355 21.87 -7.94 -15.21
N GLU B 356 22.19 -7.70 -13.95
CA GLU B 356 23.41 -8.22 -13.32
C GLU B 356 23.36 -9.74 -13.25
N GLY B 357 22.13 -10.27 -13.17
CA GLY B 357 21.89 -11.71 -13.21
C GLY B 357 20.54 -12.14 -12.65
N LEU B 358 20.54 -12.44 -11.35
CA LEU B 358 19.39 -12.91 -10.56
C LEU B 358 18.00 -12.52 -11.04
N VAL B 359 17.15 -13.53 -11.24
CA VAL B 359 15.76 -13.27 -11.55
C VAL B 359 14.89 -14.13 -10.65
N ASN B 360 14.03 -13.48 -9.87
CA ASN B 360 13.04 -14.15 -9.06
C ASN B 360 11.64 -14.14 -9.72
N TYR B 361 10.99 -15.29 -9.73
CA TYR B 361 9.65 -15.40 -10.27
C TYR B 361 8.75 -15.92 -9.18
N THR B 362 7.48 -15.52 -9.20
CA THR B 362 6.49 -16.30 -8.49
C THR B 362 6.20 -17.46 -9.43
N ARG B 363 5.40 -18.44 -8.98
CA ARG B 363 5.16 -19.67 -9.75
C ARG B 363 3.68 -19.87 -10.11
N LEU B 364 3.42 -20.56 -11.22
CA LEU B 364 2.04 -20.83 -11.68
C LEU B 364 1.22 -21.57 -10.65
N ASP B 365 1.91 -22.27 -9.76
CA ASP B 365 1.26 -23.09 -8.75
C ASP B 365 1.34 -22.44 -7.39
N ASP B 366 1.93 -21.24 -7.34
CA ASP B 366 1.81 -20.41 -6.15
C ASP B 366 0.36 -20.08 -5.86
N SER B 367 0.06 -19.86 -4.59
CA SER B 367 -1.29 -19.47 -4.19
C SER B 367 -1.52 -18.01 -4.54
N ALA B 368 -2.78 -17.63 -4.77
CA ALA B 368 -3.15 -16.22 -4.96
C ALA B 368 -2.65 -15.32 -3.82
N GLU B 369 -2.38 -15.93 -2.67
CA GLU B 369 -1.73 -15.25 -1.56
C GLU B 369 -0.28 -14.91 -1.90
N LYS B 370 0.54 -15.93 -2.15
CA LYS B 370 1.97 -15.74 -2.46
C LYS B 370 2.21 -14.78 -3.64
N ILE B 371 1.34 -14.84 -4.64
CA ILE B 371 1.51 -14.09 -5.88
C ILE B 371 1.27 -12.57 -5.71
N ILE B 372 0.42 -12.18 -4.77
CA ILE B 372 0.05 -10.78 -4.57
C ILE B 372 1.09 -9.98 -3.73
N HIS B 373 1.75 -10.65 -2.80
CA HIS B 373 2.53 -9.95 -1.80
C HIS B 373 4.03 -10.09 -2.00
N THR B 374 4.47 -11.20 -2.57
CA THR B 374 5.88 -11.50 -2.71
C THR B 374 6.39 -11.27 -4.10
N GLN B 375 7.70 -11.05 -4.20
CA GLN B 375 8.33 -10.94 -5.51
C GLN B 375 8.98 -12.23 -6.03
N GLY B 376 8.52 -13.38 -5.53
CA GLY B 376 9.04 -14.67 -5.96
C GLY B 376 10.31 -15.13 -5.25
N TYR B 377 10.85 -16.30 -5.63
CA TYR B 377 12.17 -16.69 -5.16
C TYR B 377 13.10 -17.01 -6.35
N PRO B 378 14.41 -17.24 -6.10
CA PRO B 378 15.33 -17.35 -7.22
C PRO B 378 15.11 -18.56 -8.15
N MET B 379 15.43 -18.38 -9.42
CA MET B 379 14.97 -19.35 -10.41
C MET B 379 15.83 -20.58 -10.35
N CYS B 380 17.03 -20.42 -9.78
CA CYS B 380 17.99 -21.51 -9.64
C CYS B 380 18.21 -21.81 -8.15
N PRO B 381 18.43 -23.08 -7.78
CA PRO B 381 18.70 -23.37 -6.36
C PRO B 381 20.14 -23.06 -5.95
N ASP B 382 21.03 -22.89 -6.92
CA ASP B 382 22.36 -22.37 -6.63
C ASP B 382 22.46 -20.84 -6.69
N ASP B 383 21.34 -20.18 -6.91
CA ASP B 383 21.30 -18.76 -6.64
C ASP B 383 21.45 -18.53 -5.13
N GLU B 384 22.61 -18.06 -4.68
CA GLU B 384 22.73 -17.78 -3.26
C GLU B 384 22.38 -16.32 -2.97
N VAL B 385 21.30 -16.11 -2.21
CA VAL B 385 20.93 -14.79 -1.73
C VAL B 385 20.98 -14.70 -0.20
N TRP B 386 21.52 -13.61 0.34
CA TRP B 386 21.54 -13.41 1.80
C TRP B 386 21.41 -11.94 2.27
N VAL B 387 20.36 -11.67 3.05
CA VAL B 387 20.11 -10.33 3.58
C VAL B 387 21.24 -9.84 4.48
N ALA B 388 21.93 -8.79 4.06
CA ALA B 388 23.02 -8.22 4.85
C ALA B 388 22.57 -6.96 5.63
N ASP B 389 23.28 -6.64 6.71
CA ASP B 389 23.10 -5.36 7.39
C ASP B 389 24.23 -4.40 6.98
N ALA B 390 24.18 -3.17 7.50
CA ALA B 390 25.12 -2.11 7.12
C ALA B 390 26.55 -2.48 7.49
N GLU B 391 26.67 -3.21 8.59
CA GLU B 391 27.94 -3.77 8.98
C GLU B 391 28.34 -4.79 7.92
N GLY B 392 27.34 -5.46 7.35
CA GLY B 392 27.61 -6.50 6.37
C GLY B 392 27.48 -7.90 6.96
N ASN B 393 26.51 -8.07 7.86
CA ASN B 393 26.26 -9.35 8.52
C ASN B 393 24.95 -10.00 8.08
N PRO B 394 24.96 -11.34 7.92
CA PRO B 394 23.70 -12.05 7.63
C PRO B 394 22.70 -11.83 8.76
N LEU B 395 21.45 -11.55 8.43
CA LEU B 395 20.40 -11.46 9.44
C LEU B 395 19.55 -12.69 9.33
N PRO B 396 18.77 -13.00 10.39
CA PRO B 396 17.94 -14.19 10.24
C PRO B 396 16.77 -14.03 9.24
N GLN B 397 16.22 -15.15 8.78
CA GLN B 397 15.05 -15.21 7.91
C GLN B 397 13.91 -14.31 8.42
N GLY B 398 13.51 -13.34 7.61
CA GLY B 398 12.41 -12.48 7.98
C GLY B 398 12.82 -11.05 8.26
N GLU B 399 14.11 -10.82 8.40
CA GLU B 399 14.60 -9.48 8.70
C GLU B 399 14.90 -8.71 7.40
N VAL B 400 14.87 -7.37 7.48
CA VAL B 400 14.99 -6.48 6.31
C VAL B 400 16.39 -5.93 6.09
N GLY B 401 16.92 -6.05 4.87
CA GLY B 401 18.23 -5.49 4.55
C GLY B 401 18.73 -5.67 3.11
N ARG B 402 20.05 -5.48 2.93
CA ARG B 402 20.70 -5.57 1.62
C ARG B 402 20.69 -6.97 1.00
N LEU B 403 20.39 -7.00 -0.29
CA LEU B 403 20.38 -8.24 -1.07
C LEU B 403 21.78 -8.55 -1.55
N MET B 404 22.32 -9.69 -1.14
CA MET B 404 23.58 -10.17 -1.69
C MET B 404 23.33 -11.43 -2.53
N THR B 405 24.17 -11.67 -3.52
CA THR B 405 23.90 -12.73 -4.46
C THR B 405 25.09 -13.06 -5.36
N ARG B 406 25.27 -14.35 -5.60
CA ARG B 406 26.11 -14.84 -6.68
C ARG B 406 25.40 -16.09 -7.22
N GLY B 407 25.87 -16.60 -8.35
CA GLY B 407 25.25 -17.75 -8.93
C GLY B 407 25.70 -18.00 -10.34
N PRO B 408 25.07 -19.01 -10.98
CA PRO B 408 25.39 -19.54 -12.31
C PRO B 408 24.99 -18.60 -13.46
N TYR B 409 24.29 -17.52 -13.16
CA TYR B 409 23.96 -16.56 -14.22
C TYR B 409 24.03 -15.09 -13.77
N THR B 410 24.67 -14.88 -12.63
CA THR B 410 24.94 -13.56 -12.16
C THR B 410 26.38 -13.27 -12.49
N PHE B 411 26.63 -12.16 -13.15
CA PHE B 411 27.99 -11.82 -13.59
C PHE B 411 28.94 -11.69 -12.40
N ARG B 412 30.22 -11.61 -12.69
CA ARG B 412 31.18 -11.34 -11.63
C ARG B 412 31.96 -10.04 -11.92
N GLY B 413 31.49 -9.25 -12.89
CA GLY B 413 32.09 -7.94 -13.14
C GLY B 413 31.66 -7.10 -14.33
N TYR B 414 31.37 -5.82 -14.09
CA TYR B 414 31.04 -4.88 -15.15
C TYR B 414 32.17 -4.84 -16.18
N TYR B 415 31.83 -4.49 -17.41
CA TYR B 415 32.79 -4.47 -18.51
C TYR B 415 33.87 -3.41 -18.31
N LYS B 416 35.11 -3.84 -18.18
CA LYS B 416 36.26 -2.92 -18.07
C LYS B 416 36.09 -1.87 -16.95
N SER B 417 35.77 -2.30 -15.75
CA SER B 417 35.51 -1.37 -14.64
C SER B 417 36.06 -1.92 -13.33
N PRO B 418 37.36 -2.20 -13.30
CA PRO B 418 37.93 -2.86 -12.11
C PRO B 418 37.74 -2.04 -10.83
N GLN B 419 37.81 -0.71 -10.92
CA GLN B 419 37.63 0.13 -9.74
C GLN B 419 36.21 -0.03 -9.21
N HIS B 420 35.23 0.09 -10.10
CA HIS B 420 33.82 -0.07 -9.71
C HIS B 420 33.50 -1.48 -9.21
N ASN B 421 34.08 -2.48 -9.85
CA ASN B 421 33.89 -3.86 -9.41
C ASN B 421 34.45 -4.14 -8.00
N ALA B 422 35.61 -3.53 -7.71
CA ALA B 422 36.22 -3.63 -6.38
C ALA B 422 35.27 -3.16 -5.28
N SER B 423 34.30 -2.32 -5.68
CA SER B 423 33.35 -1.73 -4.76
C SER B 423 31.96 -2.36 -4.86
N ALA B 424 31.73 -3.10 -5.94
CA ALA B 424 30.41 -3.68 -6.21
C ALA B 424 30.29 -5.14 -5.76
N PHE B 425 31.40 -5.77 -5.41
CA PHE B 425 31.36 -7.15 -4.95
C PHE B 425 31.95 -7.30 -3.56
N ASP B 426 31.50 -8.27 -2.78
CA ASP B 426 32.18 -8.47 -1.51
C ASP B 426 33.39 -9.38 -1.68
N ALA B 427 34.00 -9.76 -0.55
CA ALA B 427 35.18 -10.60 -0.55
C ALA B 427 34.93 -11.97 -1.18
N ASN B 428 33.77 -12.54 -0.88
CA ASN B 428 33.33 -13.84 -1.38
C ASN B 428 32.70 -13.77 -2.79
N GLY B 429 32.87 -12.63 -3.46
CA GLY B 429 32.33 -12.48 -4.80
C GLY B 429 30.82 -12.34 -4.83
N PHE B 430 30.23 -11.88 -3.74
CA PHE B 430 28.81 -11.55 -3.71
C PHE B 430 28.61 -10.10 -4.22
N TYR B 431 27.60 -9.92 -5.07
CA TYR B 431 27.26 -8.62 -5.67
C TYR B 431 26.09 -7.96 -4.92
N CYS B 432 26.17 -6.66 -4.67
CA CYS B 432 25.08 -5.98 -3.98
C CYS B 432 24.15 -5.32 -4.97
N SER B 433 22.86 -5.61 -4.86
CA SER B 433 21.92 -5.17 -5.88
C SER B 433 21.35 -3.80 -5.57
N GLY B 434 21.67 -3.30 -4.38
CA GLY B 434 21.18 -2.01 -3.95
C GLY B 434 19.72 -2.10 -3.59
N ASP B 435 19.26 -3.31 -3.31
CA ASP B 435 17.85 -3.51 -2.96
C ASP B 435 17.71 -4.01 -1.53
N LEU B 436 16.81 -3.38 -0.79
CA LEU B 436 16.55 -3.82 0.56
C LEU B 436 15.41 -4.80 0.51
N ILE B 437 15.63 -6.00 1.04
CA ILE B 437 14.60 -7.03 1.00
C ILE B 437 14.51 -7.80 2.30
N SER B 438 13.43 -8.57 2.43
CA SER B 438 13.26 -9.47 3.54
C SER B 438 12.91 -10.80 2.93
N ILE B 439 13.43 -11.86 3.50
CA ILE B 439 13.17 -13.20 3.00
C ILE B 439 12.12 -13.93 3.85
N ASP B 440 11.18 -14.56 3.17
CA ASP B 440 10.09 -15.31 3.79
C ASP B 440 10.57 -16.44 4.70
N PRO B 441 9.64 -17.09 5.41
CA PRO B 441 10.09 -18.35 6.01
C PRO B 441 10.21 -19.40 4.92
N GLU B 442 9.47 -19.21 3.84
CA GLU B 442 9.33 -20.21 2.80
C GLU B 442 10.19 -19.93 1.58
N GLY B 443 11.18 -19.06 1.69
CA GLY B 443 12.09 -18.80 0.59
C GLY B 443 11.85 -17.50 -0.16
N TYR B 444 10.59 -17.08 -0.25
CA TYR B 444 10.21 -15.92 -1.08
C TYR B 444 10.80 -14.60 -0.63
N ILE B 445 10.89 -13.70 -1.61
CA ILE B 445 11.45 -12.37 -1.46
C ILE B 445 10.41 -11.28 -1.72
N THR B 446 10.31 -10.38 -0.76
CA THR B 446 9.48 -9.20 -0.86
C THR B 446 10.41 -7.99 -0.82
N VAL B 447 10.36 -7.17 -1.86
CA VAL B 447 11.21 -5.98 -1.94
C VAL B 447 10.71 -4.95 -0.92
N GLN B 448 11.64 -4.36 -0.17
CA GLN B 448 11.28 -3.48 0.95
C GLN B 448 11.69 -2.01 0.70
N GLY B 449 12.76 -1.82 -0.04
CA GLY B 449 13.27 -0.49 -0.29
C GLY B 449 14.39 -0.56 -1.30
N ARG B 450 15.19 0.50 -1.36
CA ARG B 450 16.38 0.54 -2.21
C ARG B 450 17.45 1.35 -1.50
N GLU B 451 18.71 1.00 -1.69
CA GLU B 451 19.77 1.80 -1.11
C GLU B 451 20.66 2.44 -2.19
N LYS B 452 20.72 1.81 -3.35
CA LYS B 452 21.37 2.42 -4.51
C LYS B 452 20.65 3.73 -4.89
N ASP B 453 21.41 4.66 -5.48
CA ASP B 453 20.90 6.00 -5.75
C ASP B 453 20.32 6.12 -7.17
N GLN B 454 19.14 5.55 -7.38
CA GLN B 454 18.53 5.64 -8.68
C GLN B 454 17.02 5.91 -8.62
N ILE B 455 16.47 6.38 -9.73
CA ILE B 455 15.06 6.58 -9.85
C ILE B 455 14.59 5.41 -10.68
N ASN B 456 13.51 4.77 -10.27
CA ASN B 456 12.91 3.75 -11.08
C ASN B 456 11.66 4.35 -11.66
N ARG B 457 11.83 4.99 -12.81
CA ARG B 457 10.74 5.68 -13.46
C ARG B 457 9.98 4.77 -14.45
N GLY B 458 9.02 4.01 -13.94
CA GLY B 458 8.21 3.13 -14.77
C GLY B 458 8.92 1.90 -15.30
N GLY B 459 10.13 1.69 -14.84
CA GLY B 459 10.88 0.51 -15.22
C GLY B 459 12.19 0.89 -15.82
N GLU B 460 12.29 2.12 -16.34
CA GLU B 460 13.56 2.62 -16.83
C GLU B 460 14.38 3.14 -15.66
N LYS B 461 15.65 2.78 -15.63
CA LYS B 461 16.50 3.18 -14.52
C LYS B 461 17.21 4.49 -14.83
N ILE B 462 17.25 5.38 -13.83
CA ILE B 462 18.00 6.62 -13.94
C ILE B 462 19.08 6.77 -12.86
N ALA B 463 20.32 7.04 -13.26
CA ALA B 463 21.40 7.29 -12.31
C ALA B 463 21.37 8.72 -11.85
N ALA B 464 21.07 8.92 -10.58
CA ALA B 464 21.13 10.26 -10.00
C ALA B 464 22.46 10.92 -10.34
N GLU B 465 23.54 10.15 -10.27
CA GLU B 465 24.87 10.70 -10.49
C GLU B 465 24.97 11.32 -11.88
N GLU B 466 24.48 10.59 -12.89
CA GLU B 466 24.63 11.03 -14.28
C GLU B 466 23.93 12.34 -14.55
N ILE B 467 22.68 12.45 -14.12
CA ILE B 467 21.85 13.61 -14.36
C ILE B 467 22.36 14.84 -13.64
N GLU B 468 23.08 14.62 -12.53
CA GLU B 468 23.54 15.74 -11.72
C GLU B 468 24.73 16.43 -12.37
N ASN B 469 25.60 15.64 -12.99
CA ASN B 469 26.77 16.16 -13.69
C ASN B 469 26.37 16.96 -14.92
N LEU B 470 25.26 16.56 -15.53
CA LEU B 470 24.78 17.25 -16.71
C LEU B 470 24.12 18.55 -16.30
N LEU B 471 23.39 18.52 -15.19
CA LEU B 471 22.77 19.71 -14.65
C LEU B 471 23.82 20.72 -14.24
N LEU B 472 24.90 20.24 -13.61
CA LEU B 472 25.99 21.11 -13.18
C LEU B 472 26.68 21.77 -14.37
N ARG B 473 26.52 21.19 -15.55
CA ARG B 473 27.13 21.76 -16.74
C ARG B 473 26.50 23.12 -17.09
N HIS B 474 25.23 23.29 -16.77
CA HIS B 474 24.57 24.57 -16.97
C HIS B 474 25.23 25.66 -16.12
N PRO B 475 25.44 26.84 -16.70
CA PRO B 475 26.10 27.98 -16.05
C PRO B 475 25.46 28.40 -14.73
N ALA B 476 24.13 28.44 -14.71
CA ALA B 476 23.39 28.90 -13.54
C ALA B 476 23.30 27.87 -12.42
N VAL B 477 23.64 26.61 -12.68
CA VAL B 477 23.57 25.60 -11.64
C VAL B 477 24.89 25.40 -10.90
N ILE B 478 24.86 25.54 -9.57
CA ILE B 478 26.07 25.32 -8.78
C ILE B 478 26.03 24.01 -7.99
N TYR B 479 24.83 23.61 -7.58
CA TYR B 479 24.67 22.36 -6.86
C TYR B 479 23.39 21.68 -7.31
N ALA B 480 23.42 20.36 -7.40
CA ALA B 480 22.28 19.63 -7.93
C ALA B 480 22.09 18.27 -7.26
N ALA B 481 20.84 17.94 -6.97
CA ALA B 481 20.49 16.64 -6.40
C ALA B 481 19.20 16.08 -7.02
N LEU B 482 19.29 14.84 -7.51
CA LEU B 482 18.15 14.18 -8.15
C LEU B 482 17.54 13.07 -7.26
N VAL B 483 16.30 13.25 -6.86
CA VAL B 483 15.67 12.27 -6.00
C VAL B 483 14.34 11.80 -6.59
N SER B 484 13.93 10.62 -6.17
CA SER B 484 12.67 10.09 -6.64
C SER B 484 11.54 10.55 -5.73
N MET B 485 10.39 10.80 -6.32
CA MET B 485 9.18 11.13 -5.58
C MET B 485 8.18 10.11 -6.03
N GLU B 486 7.18 9.85 -5.20
CA GLU B 486 6.15 8.91 -5.59
C GLU B 486 5.26 9.50 -6.68
N ASP B 487 4.83 8.65 -7.58
CA ASP B 487 3.81 9.02 -8.53
C ASP B 487 2.92 7.82 -8.71
N GLU B 488 1.62 8.06 -8.73
CA GLU B 488 0.61 7.02 -8.83
C GLU B 488 0.75 6.15 -10.08
N LEU B 489 0.94 6.78 -11.24
CA LEU B 489 1.07 6.00 -12.49
C LEU B 489 2.47 5.44 -12.69
N MET B 490 3.47 6.31 -12.57
CA MET B 490 4.83 5.95 -12.97
C MET B 490 5.57 5.13 -11.91
N GLY B 491 5.05 5.14 -10.69
CA GLY B 491 5.73 4.56 -9.56
C GLY B 491 6.64 5.57 -8.86
N GLU B 492 7.66 6.02 -9.58
CA GLU B 492 8.53 7.07 -9.10
C GLU B 492 8.66 8.11 -10.21
N LYS B 493 9.17 9.28 -9.85
CA LYS B 493 9.48 10.30 -10.84
C LYS B 493 10.76 10.95 -10.40
N SER B 494 11.34 11.80 -11.24
CA SER B 494 12.58 12.47 -10.88
C SER B 494 12.29 13.85 -10.31
N CYS B 495 12.99 14.20 -9.24
CA CYS B 495 12.97 15.56 -8.73
C CYS B 495 14.39 16.08 -8.63
N ALA B 496 14.66 17.15 -9.37
CA ALA B 496 15.94 17.82 -9.30
C ALA B 496 15.82 19.07 -8.43
N TYR B 497 16.57 19.06 -7.33
CA TYR B 497 16.72 20.24 -6.52
C TYR B 497 17.94 20.99 -7.00
N LEU B 498 17.81 22.29 -7.15
CA LEU B 498 18.91 23.07 -7.65
C LEU B 498 19.18 24.29 -6.79
N VAL B 499 20.47 24.57 -6.59
CA VAL B 499 20.90 25.85 -6.08
C VAL B 499 21.49 26.59 -7.26
N VAL B 500 20.94 27.76 -7.57
CA VAL B 500 21.25 28.42 -8.84
C VAL B 500 21.73 29.87 -8.74
N LYS B 501 22.56 30.28 -9.69
CA LYS B 501 23.02 31.68 -9.79
C LYS B 501 21.88 32.61 -10.18
N GLU B 502 20.99 32.12 -11.06
CA GLU B 502 19.79 32.85 -11.48
C GLU B 502 18.61 31.89 -11.64
N PRO B 503 17.39 32.34 -11.29
CA PRO B 503 16.19 31.49 -11.31
C PRO B 503 15.97 30.74 -12.64
N LEU B 504 15.73 29.43 -12.52
CA LEU B 504 15.49 28.59 -13.68
C LEU B 504 14.10 27.97 -13.62
N ARG B 505 13.36 28.07 -14.72
CA ARG B 505 12.09 27.35 -14.84
C ARG B 505 12.40 25.87 -15.10
N ALA B 506 11.45 25.01 -14.75
CA ALA B 506 11.62 23.57 -14.96
C ALA B 506 11.72 23.30 -16.46
N VAL B 507 10.89 24.02 -17.23
CA VAL B 507 10.92 23.91 -18.69
C VAL B 507 12.29 24.28 -19.25
N GLN B 508 13.01 25.16 -18.55
CA GLN B 508 14.34 25.54 -19.01
C GLN B 508 15.35 24.44 -18.78
N VAL B 509 15.25 23.82 -17.63
CA VAL B 509 16.14 22.73 -17.26
C VAL B 509 15.94 21.53 -18.16
N ARG B 510 14.68 21.17 -18.40
CA ARG B 510 14.38 20.05 -19.29
C ARG B 510 14.85 20.37 -20.72
N ARG B 511 14.61 21.60 -21.18
CA ARG B 511 15.15 22.03 -22.47
C ARG B 511 16.67 21.89 -22.56
N PHE B 512 17.39 22.36 -21.54
CA PHE B 512 18.85 22.26 -21.51
C PHE B 512 19.31 20.81 -21.63
N LEU B 513 18.78 19.94 -20.77
CA LEU B 513 19.18 18.53 -20.80
C LEU B 513 18.85 17.81 -22.09
N ARG B 514 17.75 18.21 -22.74
CA ARG B 514 17.44 17.66 -24.05
C ARG B 514 18.61 17.90 -24.98
N GLU B 515 19.10 19.15 -24.97
CA GLU B 515 20.22 19.56 -25.82
C GLU B 515 21.49 18.78 -25.54
N GLN B 516 21.59 18.21 -24.34
CA GLN B 516 22.75 17.40 -23.98
C GLN B 516 22.69 16.01 -24.64
N GLY B 517 21.62 15.76 -25.38
CA GLY B 517 21.45 14.49 -26.08
C GLY B 517 21.34 13.32 -25.12
N ILE B 518 20.33 13.38 -24.26
CA ILE B 518 20.10 12.34 -23.28
C ILE B 518 18.69 11.80 -23.48
N ALA B 519 18.45 10.57 -23.03
CA ALA B 519 17.17 9.92 -23.22
C ALA B 519 16.04 10.69 -22.58
N GLU B 520 14.92 10.77 -23.28
CA GLU B 520 13.82 11.63 -22.87
C GLU B 520 13.17 11.28 -21.52
N PHE B 521 13.28 10.02 -21.07
CA PHE B 521 12.79 9.64 -19.75
C PHE B 521 13.69 10.19 -18.64
N LYS B 522 14.92 10.58 -19.01
CA LYS B 522 15.87 11.16 -18.06
C LYS B 522 15.65 12.66 -17.80
N LEU B 523 14.71 13.26 -18.51
CA LEU B 523 14.34 14.65 -18.23
C LEU B 523 13.64 14.78 -16.85
N PRO B 524 14.18 15.63 -15.96
CA PRO B 524 13.63 15.77 -14.60
C PRO B 524 12.15 16.12 -14.59
N ASP B 525 11.36 15.35 -13.85
CA ASP B 525 9.92 15.53 -13.83
C ASP B 525 9.49 16.76 -13.02
N ARG B 526 10.32 17.18 -12.09
CA ARG B 526 10.05 18.39 -11.33
C ARG B 526 11.38 19.01 -11.07
N VAL B 527 11.38 20.33 -10.92
CA VAL B 527 12.60 21.05 -10.59
C VAL B 527 12.29 21.97 -9.43
N GLU B 528 13.11 21.93 -8.41
CA GLU B 528 12.93 22.81 -7.27
C GLU B 528 14.19 23.61 -7.09
N CYS B 529 14.08 24.91 -7.32
CA CYS B 529 15.20 25.80 -7.05
C CYS B 529 15.19 26.12 -5.57
N VAL B 530 16.36 26.07 -4.94
CA VAL B 530 16.47 26.39 -3.52
C VAL B 530 17.71 27.21 -3.26
N ASP B 531 17.78 27.85 -2.09
CA ASP B 531 18.87 28.77 -1.81
C ASP B 531 20.13 28.07 -1.28
N SER B 532 19.99 26.79 -0.93
CA SER B 532 21.11 26.03 -0.36
C SER B 532 20.71 24.59 -0.18
N LEU B 533 21.70 23.72 -0.05
CA LEU B 533 21.48 22.28 0.05
C LEU B 533 22.57 21.68 0.88
N PRO B 534 22.26 20.62 1.65
CA PRO B 534 23.27 19.97 2.48
C PRO B 534 24.43 19.46 1.63
N LEU B 535 25.65 19.89 1.97
CA LEU B 535 26.81 19.52 1.18
C LEU B 535 27.70 18.52 1.90
N THR B 536 28.46 17.76 1.12
CA THR B 536 29.45 16.84 1.64
C THR B 536 30.76 17.57 1.83
N ALA B 537 31.87 16.83 1.86
CA ALA B 537 33.19 17.45 1.95
C ALA B 537 33.70 17.91 0.57
N VAL B 538 33.67 17.01 -0.42
CA VAL B 538 34.22 17.26 -1.75
C VAL B 538 33.56 18.43 -2.51
N GLY B 539 32.44 18.91 -1.99
CA GLY B 539 31.72 20.01 -2.60
C GLY B 539 30.53 19.48 -3.34
N LYS B 540 30.15 18.24 -3.04
CA LYS B 540 28.96 17.64 -3.65
C LYS B 540 27.77 17.74 -2.70
N VAL B 541 26.59 17.33 -3.16
CA VAL B 541 25.40 17.39 -2.33
C VAL B 541 25.24 16.18 -1.43
N ASP B 542 25.09 16.43 -0.13
CA ASP B 542 24.95 15.33 0.79
C ASP B 542 23.56 14.72 0.71
N LYS B 543 23.47 13.59 -0.02
CA LYS B 543 22.20 12.91 -0.27
C LYS B 543 21.67 12.19 0.98
N LYS B 544 22.56 11.45 1.65
CA LYS B 544 22.25 10.74 2.90
C LYS B 544 21.96 11.65 4.10
N GLN B 545 21.54 12.88 3.85
CA GLN B 545 21.02 13.77 4.89
C GLN B 545 19.95 14.58 4.20
N LEU B 546 20.06 14.60 2.88
CA LEU B 546 19.08 15.27 2.04
C LEU B 546 17.76 14.60 2.26
N ARG B 547 17.84 13.32 2.63
CA ARG B 547 16.73 12.63 3.25
C ARG B 547 16.14 13.51 4.35
N GLN B 548 16.85 13.61 5.47
CA GLN B 548 16.38 14.36 6.65
C GLN B 548 16.29 15.89 6.46
N TRP B 549 17.24 16.47 5.70
CA TRP B 549 17.20 17.90 5.41
C TRP B 549 15.87 18.31 4.75
N LEU B 550 15.45 17.50 3.77
CA LEU B 550 14.23 17.79 3.03
C LEU B 550 13.02 17.76 3.95
N ALA B 551 12.96 16.77 4.82
CA ALA B 551 11.83 16.59 5.74
C ALA B 551 11.62 17.77 6.69
N SER B 552 12.73 18.40 7.07
CA SER B 552 12.72 19.49 8.05
C SER B 552 12.48 20.87 7.43
N ARG B 553 12.49 20.92 6.11
CA ARG B 553 12.09 22.13 5.40
C ARG B 553 10.58 22.14 5.21
N ALA B 554 10.02 20.98 4.85
CA ALA B 554 8.60 20.86 4.61
C ALA B 554 7.85 21.03 5.92
N SER B 555 8.44 20.50 6.99
CA SER B 555 7.85 20.52 8.32
C SER B 555 8.08 21.84 9.08
N ALA B 556 8.84 22.75 8.46
CA ALA B 556 9.16 24.05 9.05
C ALA B 556 8.23 25.15 8.55
N GLY B 557 7.78 25.02 7.32
CA GLY B 557 6.72 25.88 6.80
C GLY B 557 5.41 25.49 7.47
N ARG B 558 5.28 24.20 7.78
CA ARG B 558 4.08 23.67 8.42
C ARG B 558 4.11 23.86 9.93
N ALA B 559 5.15 24.51 10.44
CA ALA B 559 5.28 24.82 11.85
C ALA B 559 4.98 26.29 12.13
N SER B 560 4.86 27.06 11.06
CA SER B 560 4.51 28.47 11.16
C SER B 560 3.06 28.62 11.60
N ILE B 561 2.88 29.18 12.80
CA ILE B 561 1.54 29.49 13.33
C ILE B 561 1.02 30.78 12.67
N PRO B 562 -0.22 30.74 12.14
CA PRO B 562 -0.74 31.85 11.33
C PRO B 562 -0.74 33.22 12.04
N ALA B 563 -0.33 34.26 11.34
CA ALA B 563 -0.16 35.57 11.97
C ALA B 563 -1.36 36.50 11.76
N SER B 564 -2.39 36.00 11.10
CA SER B 564 -3.64 36.74 10.95
C SER B 564 -4.75 35.73 11.09
N LYS B 565 -5.97 36.20 11.28
CA LYS B 565 -7.11 35.29 11.27
C LYS B 565 -7.26 34.75 9.86
N ALA B 566 -6.83 35.55 8.90
CA ALA B 566 -6.90 35.17 7.50
C ALA B 566 -5.99 33.99 7.24
N ALA B 567 -4.76 34.07 7.76
CA ALA B 567 -3.76 33.04 7.50
C ALA B 567 -4.20 31.70 8.07
N LEU B 568 -4.93 31.77 9.18
CA LEU B 568 -5.51 30.58 9.80
C LEU B 568 -6.60 29.99 8.92
N ARG B 569 -7.51 30.84 8.44
CA ARG B 569 -8.53 30.39 7.49
C ARG B 569 -7.88 29.65 6.34
N GLU B 570 -6.72 30.11 5.94
CA GLU B 570 -6.00 29.47 4.86
C GLU B 570 -5.54 28.05 5.21
N VAL B 571 -5.15 27.84 6.46
CA VAL B 571 -4.70 26.52 6.89
C VAL B 571 -5.88 25.58 7.11
N ILE B 572 -6.99 26.13 7.58
CA ILE B 572 -8.16 25.35 7.96
C ILE B 572 -8.98 24.82 6.79
N LEU B 573 -9.32 25.70 5.85
CA LEU B 573 -10.21 25.31 4.75
C LEU B 573 -9.82 24.03 3.98
N PRO B 574 -8.54 23.89 3.62
CA PRO B 574 -8.18 22.67 2.89
C PRO B 574 -8.29 21.39 3.71
N LEU B 575 -8.47 21.51 5.02
CA LEU B 575 -8.66 20.34 5.87
C LEU B 575 -10.13 19.94 5.94
N LEU B 576 -11.02 20.89 5.71
CA LEU B 576 -12.45 20.61 5.76
C LEU B 576 -13.06 20.35 4.37
N ASP B 577 -14.37 20.17 4.34
CA ASP B 577 -15.12 19.78 3.15
C ASP B 577 -14.91 20.81 2.02
N GLU B 578 -14.73 20.32 0.80
CA GLU B 578 -14.53 21.20 -0.35
C GLU B 578 -15.83 21.97 -0.67
N SER B 579 -16.96 21.33 -0.41
CA SER B 579 -18.27 21.82 -0.82
C SER B 579 -18.64 23.21 -0.27
N ASP B 580 -18.73 23.32 1.06
CA ASP B 580 -19.15 24.57 1.68
C ASP B 580 -17.98 25.35 2.31
N GLU B 581 -18.14 26.65 2.48
CA GLU B 581 -17.18 27.45 3.24
C GLU B 581 -17.88 27.99 4.48
N PRO B 582 -17.27 27.76 5.66
CA PRO B 582 -17.90 28.05 6.95
C PRO B 582 -17.79 29.52 7.35
N PHE B 583 -18.64 29.94 8.28
CA PHE B 583 -18.48 31.24 8.89
C PHE B 583 -17.50 31.12 10.04
N ASP B 584 -16.91 32.26 10.39
CA ASP B 584 -15.89 32.35 11.40
C ASP B 584 -16.35 31.83 12.74
N ASP B 585 -17.65 31.87 12.99
CA ASP B 585 -18.13 31.37 14.28
C ASP B 585 -18.77 29.98 14.19
N ASP B 586 -18.79 29.40 13.00
CA ASP B 586 -19.42 28.09 12.75
C ASP B 586 -18.67 26.93 13.42
N ASN B 587 -19.43 25.95 13.90
CA ASN B 587 -18.84 24.68 14.35
C ASN B 587 -18.16 23.94 13.16
N LEU B 588 -16.84 24.04 13.10
CA LEU B 588 -16.03 23.44 12.03
C LEU B 588 -16.29 21.96 11.81
N ILE B 589 -16.72 21.25 12.84
CA ILE B 589 -17.04 19.84 12.70
C ILE B 589 -18.26 19.69 11.79
N ASP B 590 -19.12 20.70 11.76
CA ASP B 590 -20.27 20.65 10.85
C ASP B 590 -19.83 20.85 9.40
N TYR B 591 -18.59 21.23 9.18
CA TYR B 591 -18.06 21.33 7.83
C TYR B 591 -17.04 20.23 7.55
N GLY B 592 -17.04 19.21 8.40
CA GLY B 592 -16.29 17.99 8.14
C GLY B 592 -14.84 17.99 8.62
N LEU B 593 -14.53 18.81 9.62
CA LEU B 593 -13.20 18.79 10.18
C LEU B 593 -13.08 17.60 11.13
N ASP B 594 -12.26 16.64 10.77
CA ASP B 594 -12.15 15.42 11.57
C ASP B 594 -11.15 15.56 12.72
N SER B 595 -11.35 14.80 13.78
CA SER B 595 -10.63 15.03 15.04
C SER B 595 -9.13 14.72 14.95
N VAL B 596 -8.72 13.82 14.06
CA VAL B 596 -7.28 13.55 13.94
C VAL B 596 -6.51 14.75 13.37
N ARG B 597 -7.09 15.39 12.36
CA ARG B 597 -6.48 16.61 11.80
C ARG B 597 -6.46 17.69 12.87
N MET B 598 -7.52 17.73 13.66
CA MET B 598 -7.57 18.65 14.78
C MET B 598 -6.43 18.37 15.79
N MET B 599 -6.21 17.11 16.11
CA MET B 599 -5.11 16.72 17.01
C MET B 599 -3.76 17.14 16.45
N ALA B 600 -3.63 17.03 15.13
CA ALA B 600 -2.39 17.42 14.47
C ALA B 600 -2.12 18.92 14.60
N LEU B 601 -3.16 19.72 14.42
CA LEU B 601 -3.03 21.18 14.50
C LEU B 601 -2.59 21.55 15.89
N ALA B 602 -3.25 20.94 16.87
CA ALA B 602 -2.92 21.16 18.27
C ALA B 602 -1.44 20.87 18.55
N ALA B 603 -0.93 19.76 18.03
CA ALA B 603 0.46 19.39 18.32
C ALA B 603 1.46 20.41 17.78
N ARG B 604 1.10 21.08 16.69
CA ARG B 604 1.93 22.12 16.10
C ARG B 604 1.82 23.45 16.83
N TRP B 605 0.59 23.88 17.13
CA TRP B 605 0.37 25.17 17.78
C TRP B 605 0.89 25.17 19.22
N ARG B 606 0.98 23.98 19.82
CA ARG B 606 1.44 23.87 21.20
C ARG B 606 2.91 24.28 21.29
N LYS B 607 3.60 24.30 20.16
CA LYS B 607 5.00 24.70 20.12
C LYS B 607 5.18 26.20 20.30
N VAL B 608 4.09 26.95 20.16
CA VAL B 608 4.10 28.37 20.49
C VAL B 608 3.42 28.65 21.84
N HIS B 609 2.14 28.29 21.95
CA HIS B 609 1.39 28.37 23.20
C HIS B 609 1.28 26.98 23.76
N GLY B 610 2.03 26.71 24.82
CA GLY B 610 2.21 25.35 25.28
C GLY B 610 1.09 24.83 26.14
N ASP B 611 -0.06 25.47 26.06
CA ASP B 611 -1.21 25.04 26.83
C ASP B 611 -2.30 24.60 25.88
N ILE B 612 -1.98 24.65 24.58
CA ILE B 612 -2.91 24.20 23.56
C ILE B 612 -2.84 22.69 23.39
N ASP B 613 -3.97 22.02 23.59
CA ASP B 613 -4.09 20.59 23.26
C ASP B 613 -5.36 20.26 22.49
N PHE B 614 -5.54 19.00 22.16
CA PHE B 614 -6.73 18.62 21.41
C PHE B 614 -8.02 19.00 22.11
N VAL B 615 -8.07 18.76 23.41
CA VAL B 615 -9.25 19.09 24.19
C VAL B 615 -9.56 20.58 24.13
N MET B 616 -8.52 21.42 24.08
CA MET B 616 -8.73 22.85 24.06
C MET B 616 -9.45 23.28 22.78
N LEU B 617 -8.91 22.83 21.64
CA LEU B 617 -9.49 23.11 20.34
C LEU B 617 -10.91 22.53 20.21
N ALA B 618 -11.10 21.32 20.71
CA ALA B 618 -12.35 20.60 20.46
C ALA B 618 -13.55 21.16 21.25
N LYS B 619 -13.25 21.81 22.37
CA LYS B 619 -14.31 22.43 23.17
C LYS B 619 -14.97 23.51 22.34
N ASN B 620 -14.18 24.20 21.54
CA ASN B 620 -14.66 25.38 20.82
C ASN B 620 -14.06 25.45 19.42
N PRO B 621 -14.48 24.52 18.56
CA PRO B 621 -13.83 24.34 17.27
C PRO B 621 -14.36 25.32 16.24
N THR B 622 -13.98 26.59 16.40
CA THR B 622 -14.31 27.60 15.42
C THR B 622 -13.05 28.39 15.12
N ILE B 623 -13.05 29.04 13.96
CA ILE B 623 -11.95 29.93 13.59
C ILE B 623 -11.83 31.11 14.56
N ASP B 624 -12.97 31.66 14.96
CA ASP B 624 -13.00 32.73 15.94
C ASP B 624 -12.23 32.32 17.19
N ALA B 625 -12.66 31.21 17.78
CA ALA B 625 -12.11 30.76 19.05
C ALA B 625 -10.65 30.32 18.91
N TRP B 626 -10.28 29.81 17.74
CA TRP B 626 -8.90 29.35 17.54
C TRP B 626 -7.99 30.53 17.27
N TRP B 627 -8.52 31.55 16.60
CA TRP B 627 -7.78 32.77 16.43
C TRP B 627 -7.61 33.48 17.77
N LYS B 628 -8.65 33.46 18.60
CA LYS B 628 -8.54 34.01 19.95
C LYS B 628 -7.37 33.40 20.70
N LEU B 629 -7.26 32.08 20.68
CA LEU B 629 -6.16 31.41 21.35
C LEU B 629 -4.83 31.72 20.66
N LEU B 630 -4.79 31.49 19.35
CA LEU B 630 -3.58 31.69 18.56
C LEU B 630 -3.03 33.12 18.62
N SER B 631 -3.91 34.11 18.75
CA SER B 631 -3.46 35.50 18.69
C SER B 631 -2.98 36.00 20.04
N ARG B 632 -3.10 35.15 21.06
CA ARG B 632 -2.62 35.53 22.38
C ARG B 632 -1.12 35.83 22.35
N GLU B 633 -0.68 36.56 23.36
CA GLU B 633 0.74 36.70 23.57
C GLU B 633 1.26 35.38 24.17
N VAL B 634 2.46 34.97 23.75
CA VAL B 634 3.16 33.86 24.37
C VAL B 634 3.36 34.14 25.87
N LYS B 635 2.78 33.30 26.71
CA LYS B 635 2.95 33.44 28.16
C LYS B 635 3.78 32.29 28.74
#